data_4X0K
#
_entry.id   4X0K
#
_cell.length_a   53.559
_cell.length_b   67.131
_cell.length_c   71.877
_cell.angle_alpha   71.30
_cell.angle_beta   78.10
_cell.angle_gamma   85.31
#
_symmetry.space_group_name_H-M   'P 1'
#
loop_
_entity.id
_entity.type
_entity.pdbx_description
1 polymer 'Fab fragment heavy chain'
2 polymer 'Fab fragment light chain'
3 water water
#
loop_
_entity_poly.entity_id
_entity_poly.type
_entity_poly.pdbx_seq_one_letter_code
_entity_poly.pdbx_strand_id
1 'polypeptide(L)'
;QVQLQQSGPEDVKPGASVKISCKASGYSLSTSGMGVNWVKQSPGKGLEWLAHIYWDDDKRYNPSLKSRATLTVDKSSSTV
YLELRSLTSEDSSVYYCARRGGSSHYYAMDYWGQGTTVTVSSASFKGPSVFPLAPSSKSTSGGTAALGCLVKDYFPEPVT
VSWNSGALTSGVHTFPAVLQSSGLYSLSSVVTVPSSSLGTQTYICNVNHKPSNTKVDKKVEPKSCDKTHTGGGGDYKDDD
DK
;
H,A
2 'polypeptide(L)'
;KDIVMTQTPSSLPVSLGDQASISCRSSQSIVHSNGNTYLEWYLQKPGQSPKLLIYKVSNRFSGVPDRFSGSGSGTDFTLK
ISRVEAEDLGIYYCFQGSLVPPTFGAGTKLELKRGAAAPSVFIFPPSDEQLKSGTASVVCLLNNFYPREAKVQWKVDNAL
QSGNSQESVTEQDSKDSTYSLSSTLTLSKADYEKHKVYACEVTHQGLSSPVTKSFNRGECGGGGHHHHHHHHHH
;
L,B
#
# COMPACT_ATOMS: atom_id res chain seq x y z
N GLN A 1 -2.69 -2.89 -35.79
CA GLN A 1 -2.76 -4.24 -36.32
C GLN A 1 -2.53 -5.26 -35.20
N VAL A 2 -2.69 -4.81 -33.96
CA VAL A 2 -2.52 -5.68 -32.81
C VAL A 2 -3.67 -6.65 -32.68
N GLN A 3 -3.37 -7.94 -32.63
CA GLN A 3 -4.42 -8.95 -32.58
C GLN A 3 -4.03 -10.22 -31.83
N LEU A 4 -5.01 -10.80 -31.15
CA LEU A 4 -4.88 -12.09 -30.49
C LEU A 4 -5.94 -13.03 -31.06
N GLN A 5 -5.51 -14.18 -31.59
CA GLN A 5 -6.46 -15.15 -32.12
C GLN A 5 -6.28 -16.49 -31.42
N GLN A 6 -7.39 -17.02 -30.90
CA GLN A 6 -7.33 -18.24 -30.12
C GLN A 6 -7.78 -19.45 -30.93
N SER A 7 -7.40 -20.63 -30.45
CA SER A 7 -7.79 -21.88 -31.10
C SER A 7 -9.28 -22.12 -30.92
N GLY A 8 -9.81 -23.07 -31.69
CA GLY A 8 -11.24 -23.36 -31.68
C GLY A 8 -11.71 -24.05 -30.42
N PRO A 9 -13.03 -24.23 -30.29
CA PRO A 9 -13.69 -24.83 -29.12
C PRO A 9 -13.21 -26.24 -28.82
N GLU A 10 -13.41 -26.66 -27.56
CA GLU A 10 -12.98 -27.96 -27.11
C GLU A 10 -14.07 -28.65 -26.28
N ASP A 11 -14.36 -29.91 -26.62
CA ASP A 11 -15.19 -30.74 -25.78
C ASP A 11 -14.33 -31.91 -25.32
N VAL A 12 -14.34 -32.17 -24.02
CA VAL A 12 -13.42 -33.15 -23.46
C VAL A 12 -14.00 -33.87 -22.25
N LYS A 13 -13.52 -35.07 -21.99
CA LYS A 13 -13.99 -35.88 -20.86
C LYS A 13 -13.30 -35.46 -19.56
N PRO A 14 -13.97 -35.67 -18.42
CA PRO A 14 -13.34 -35.41 -17.11
C PRO A 14 -12.04 -36.20 -16.93
N GLY A 15 -11.07 -35.60 -16.26
CA GLY A 15 -9.80 -36.25 -16.01
C GLY A 15 -8.81 -36.05 -17.14
N ALA A 16 -9.31 -35.59 -18.28
CA ALA A 16 -8.45 -35.33 -19.43
C ALA A 16 -7.84 -33.95 -19.35
N SER A 17 -6.97 -33.63 -20.30
CA SER A 17 -6.34 -32.32 -20.36
C SER A 17 -6.74 -31.59 -21.63
N VAL A 18 -6.44 -30.30 -21.66
CA VAL A 18 -6.75 -29.47 -22.82
C VAL A 18 -5.61 -28.47 -23.03
N LYS A 19 -5.23 -28.26 -24.28
CA LYS A 19 -4.19 -27.28 -24.61
C LYS A 19 -4.74 -26.28 -25.61
N ILE A 20 -4.90 -25.04 -25.19
CA ILE A 20 -5.42 -23.98 -26.05
C ILE A 20 -4.34 -22.96 -26.38
N SER A 21 -4.47 -22.31 -27.54
CA SER A 21 -3.42 -21.43 -28.03
C SER A 21 -3.88 -20.00 -28.23
N CYS A 22 -2.91 -19.09 -28.22
CA CYS A 22 -3.18 -17.67 -28.39
C CYS A 22 -2.07 -17.02 -29.24
N LYS A 23 -2.39 -16.71 -30.49
CA LYS A 23 -1.39 -16.15 -31.40
C LYS A 23 -1.48 -14.63 -31.50
N ALA A 24 -0.35 -13.96 -31.26
CA ALA A 24 -0.31 -12.50 -31.28
C ALA A 24 0.28 -11.95 -32.56
N SER A 25 -0.34 -10.91 -33.09
CA SER A 25 0.13 -10.24 -34.30
C SER A 25 0.15 -8.72 -34.10
N GLY A 26 0.98 -8.04 -34.88
CA GLY A 26 1.02 -6.59 -34.84
C GLY A 26 1.97 -6.01 -33.80
N TYR A 27 2.50 -6.87 -32.93
CA TYR A 27 3.47 -6.44 -31.94
C TYR A 27 4.38 -7.60 -31.55
N SER A 28 5.41 -7.32 -30.76
CA SER A 28 6.35 -8.34 -30.34
C SER A 28 6.09 -8.81 -28.91
N LEU A 29 6.05 -10.12 -28.72
CA LEU A 29 5.87 -10.70 -27.40
C LEU A 29 7.05 -10.37 -26.49
N SER A 30 8.19 -10.05 -27.09
CA SER A 30 9.41 -9.78 -26.33
C SER A 30 9.56 -8.30 -25.99
N THR A 31 8.59 -7.49 -26.41
CA THR A 31 8.59 -6.07 -26.06
C THR A 31 8.49 -5.89 -24.56
N SER A 32 9.43 -5.13 -24.00
CA SER A 32 9.50 -4.92 -22.55
C SER A 32 8.20 -4.38 -21.99
N GLY A 33 7.69 -5.03 -20.95
CA GLY A 33 6.44 -4.62 -20.32
C GLY A 33 5.24 -5.42 -20.78
N MET A 34 5.37 -6.08 -21.92
CA MET A 34 4.24 -6.84 -22.47
C MET A 34 4.13 -8.22 -21.82
N GLY A 35 2.90 -8.71 -21.73
CA GLY A 35 2.63 -10.04 -21.19
C GLY A 35 1.31 -10.56 -21.70
N VAL A 36 1.01 -11.81 -21.39
CA VAL A 36 -0.26 -12.41 -21.81
C VAL A 36 -1.02 -13.00 -20.63
N ASN A 37 -2.16 -12.39 -20.32
CA ASN A 37 -3.05 -12.90 -19.28
C ASN A 37 -3.98 -13.98 -19.83
N TRP A 38 -4.31 -14.95 -18.98
CA TRP A 38 -5.39 -15.87 -19.28
C TRP A 38 -6.50 -15.69 -18.26
N VAL A 39 -7.73 -15.57 -18.76
CA VAL A 39 -8.90 -15.28 -17.94
C VAL A 39 -10.04 -16.20 -18.40
N LYS A 40 -10.85 -16.68 -17.48
CA LYS A 40 -12.02 -17.46 -17.87
C LYS A 40 -13.31 -16.78 -17.43
N GLN A 41 -14.39 -17.06 -18.16
CA GLN A 41 -15.70 -16.56 -17.81
C GLN A 41 -16.72 -17.69 -17.80
N SER A 42 -17.41 -17.82 -16.69
CA SER A 42 -18.37 -18.91 -16.48
C SER A 42 -19.77 -18.31 -16.40
N PRO A 43 -20.83 -19.14 -16.52
CA PRO A 43 -22.18 -18.58 -16.66
C PRO A 43 -22.59 -17.65 -15.50
N GLY A 44 -22.36 -18.07 -14.26
CA GLY A 44 -22.72 -17.26 -13.12
C GLY A 44 -21.53 -16.96 -12.21
N LYS A 45 -20.32 -17.21 -12.71
CA LYS A 45 -19.12 -17.03 -11.91
C LYS A 45 -18.32 -15.80 -12.35
N GLY A 46 -18.86 -15.03 -13.29
CA GLY A 46 -18.19 -13.87 -13.81
C GLY A 46 -16.83 -14.16 -14.41
N LEU A 47 -15.89 -13.24 -14.24
CA LEU A 47 -14.53 -13.40 -14.77
C LEU A 47 -13.54 -13.76 -13.67
N GLU A 48 -12.65 -14.70 -13.96
CA GLU A 48 -11.57 -15.05 -13.04
C GLU A 48 -10.23 -15.08 -13.77
N TRP A 49 -9.21 -14.51 -13.13
CA TRP A 49 -7.86 -14.54 -13.67
C TRP A 49 -7.24 -15.92 -13.43
N LEU A 50 -6.55 -16.45 -14.42
CA LEU A 50 -6.01 -17.81 -14.34
C LEU A 50 -4.49 -17.84 -14.25
N ALA A 51 -3.84 -17.14 -15.17
CA ALA A 51 -2.40 -17.22 -15.29
C ALA A 51 -1.86 -16.08 -16.13
N HIS A 52 -0.55 -15.87 -16.05
CA HIS A 52 0.11 -14.83 -16.82
C HIS A 52 1.52 -15.25 -17.22
N ILE A 53 1.90 -14.91 -18.44
CA ILE A 53 3.27 -15.09 -18.87
C ILE A 53 3.82 -13.75 -19.39
N TYR A 54 5.01 -13.40 -18.92
CA TYR A 54 5.59 -12.10 -19.20
C TYR A 54 6.54 -12.16 -20.40
N TRP A 55 6.98 -11.01 -20.87
CA TRP A 55 7.85 -10.94 -22.03
C TRP A 55 9.17 -11.69 -21.82
N ASP A 56 9.64 -11.74 -20.57
CA ASP A 56 10.87 -12.44 -20.24
C ASP A 56 10.62 -13.91 -19.90
N ASP A 57 9.42 -14.38 -20.25
CA ASP A 57 9.00 -15.78 -20.08
C ASP A 57 8.74 -16.21 -18.64
N ASP A 58 8.66 -15.24 -17.73
CA ASP A 58 8.29 -15.54 -16.35
C ASP A 58 6.80 -15.92 -16.29
N LYS A 59 6.48 -16.94 -15.50
CA LYS A 59 5.11 -17.46 -15.44
C LYS A 59 4.51 -17.43 -14.04
N ARG A 60 3.26 -17.01 -13.95
CA ARG A 60 2.52 -16.98 -12.69
C ARG A 60 1.17 -17.68 -12.86
N TYR A 61 0.74 -18.39 -11.82
CA TYR A 61 -0.54 -19.11 -11.86
C TYR A 61 -1.42 -18.80 -10.65
N ASN A 62 -2.73 -18.79 -10.87
CA ASN A 62 -3.68 -18.69 -9.78
C ASN A 62 -3.63 -19.96 -8.93
N PRO A 63 -3.44 -19.81 -7.61
CA PRO A 63 -3.43 -20.95 -6.67
C PRO A 63 -4.69 -21.81 -6.75
N SER A 64 -5.81 -21.23 -7.17
CA SER A 64 -7.07 -21.98 -7.24
C SER A 64 -7.03 -23.10 -8.28
N LEU A 65 -6.08 -23.04 -9.19
CA LEU A 65 -5.95 -24.05 -10.23
C LEU A 65 -5.22 -25.30 -9.73
N LYS A 66 -4.66 -25.22 -8.51
CA LYS A 66 -3.99 -26.34 -7.88
C LYS A 66 -2.90 -26.97 -8.75
N SER A 67 -2.09 -26.14 -9.39
CA SER A 67 -0.97 -26.58 -10.22
C SER A 67 -1.39 -27.45 -11.40
N ARG A 68 -2.63 -27.28 -11.87
CA ARG A 68 -3.12 -28.07 -12.99
C ARG A 68 -2.84 -27.38 -14.33
N ALA A 69 -2.32 -26.16 -14.27
CA ALA A 69 -2.10 -25.37 -15.48
C ALA A 69 -0.62 -25.18 -15.79
N THR A 70 -0.29 -25.17 -17.08
CA THR A 70 1.06 -24.91 -17.53
C THR A 70 1.07 -23.97 -18.73
N LEU A 71 1.84 -22.90 -18.64
CA LEU A 71 2.00 -21.97 -19.75
C LEU A 71 3.28 -22.27 -20.52
N THR A 72 3.16 -22.33 -21.84
CA THR A 72 4.33 -22.41 -22.69
C THR A 72 4.22 -21.35 -23.77
N VAL A 73 5.35 -20.82 -24.19
CA VAL A 73 5.41 -19.90 -25.31
C VAL A 73 6.52 -20.36 -26.25
N ASP A 74 6.16 -20.78 -27.46
CA ASP A 74 7.21 -21.03 -28.42
C ASP A 74 7.21 -19.86 -29.39
N LYS A 75 8.32 -19.15 -29.41
CA LYS A 75 8.41 -17.81 -29.99
C LYS A 75 8.54 -17.83 -31.52
N SER A 76 8.30 -18.99 -32.12
CA SER A 76 8.26 -19.10 -33.57
C SER A 76 7.06 -18.32 -34.09
N SER A 77 5.89 -18.70 -33.60
CA SER A 77 4.62 -18.31 -34.16
C SER A 77 4.04 -17.09 -33.47
N SER A 78 4.78 -16.56 -32.50
CA SER A 78 4.27 -15.56 -31.58
C SER A 78 3.01 -16.11 -30.93
N THR A 79 3.08 -17.37 -30.51
CA THR A 79 1.92 -18.07 -29.95
C THR A 79 2.18 -18.54 -28.52
N VAL A 80 1.22 -18.25 -27.64
CA VAL A 80 1.27 -18.72 -26.25
C VAL A 80 0.25 -19.84 -26.06
N TYR A 81 0.63 -20.87 -25.33
CA TYR A 81 -0.25 -22.00 -25.08
C TYR A 81 -0.59 -22.15 -23.61
N LEU A 82 -1.84 -22.47 -23.31
CA LEU A 82 -2.26 -22.80 -21.96
C LEU A 82 -2.76 -24.24 -21.90
N GLU A 83 -2.13 -25.04 -21.05
CA GLU A 83 -2.53 -26.42 -20.87
C GLU A 83 -3.13 -26.62 -19.49
N LEU A 84 -4.34 -27.19 -19.44
CA LEU A 84 -5.00 -27.43 -18.17
C LEU A 84 -5.29 -28.92 -18.02
N ARG A 85 -4.76 -29.52 -16.96
CA ARG A 85 -4.85 -30.96 -16.76
C ARG A 85 -5.94 -31.34 -15.77
N SER A 86 -6.29 -32.63 -15.76
CA SER A 86 -7.24 -33.20 -14.81
C SER A 86 -8.53 -32.38 -14.69
N LEU A 87 -9.22 -32.24 -15.81
CA LEU A 87 -10.39 -31.38 -15.88
C LEU A 87 -11.63 -32.00 -15.24
N THR A 88 -12.47 -31.13 -14.67
CA THR A 88 -13.81 -31.54 -14.23
C THR A 88 -14.81 -30.53 -14.77
N SER A 89 -16.08 -30.74 -14.47
CA SER A 89 -17.16 -29.89 -14.98
C SER A 89 -17.01 -28.43 -14.54
N GLU A 90 -16.30 -28.21 -13.44
CA GLU A 90 -16.11 -26.86 -12.94
C GLU A 90 -15.11 -26.07 -13.78
N ASP A 91 -14.41 -26.77 -14.67
CA ASP A 91 -13.48 -26.12 -15.58
C ASP A 91 -14.19 -25.68 -16.87
N SER A 92 -15.44 -26.11 -17.04
CA SER A 92 -16.23 -25.71 -18.19
C SER A 92 -16.46 -24.21 -18.16
N SER A 93 -16.02 -23.53 -19.22
CA SER A 93 -16.04 -22.07 -19.26
C SER A 93 -15.61 -21.55 -20.62
N VAL A 94 -15.69 -20.24 -20.80
CA VAL A 94 -15.06 -19.59 -21.94
C VAL A 94 -13.69 -19.08 -21.49
N TYR A 95 -12.63 -19.47 -22.20
CA TYR A 95 -11.29 -19.07 -21.84
C TYR A 95 -10.76 -17.98 -22.77
N TYR A 96 -10.31 -16.88 -22.18
CA TYR A 96 -9.75 -15.78 -22.95
C TYR A 96 -8.25 -15.61 -22.69
N CYS A 97 -7.53 -15.21 -23.73
CA CYS A 97 -6.20 -14.66 -23.52
C CYS A 97 -6.30 -13.16 -23.77
N ALA A 98 -5.49 -12.39 -23.06
CA ALA A 98 -5.48 -10.94 -23.22
C ALA A 98 -4.08 -10.40 -22.98
N ARG A 99 -3.71 -9.38 -23.74
CA ARG A 99 -2.39 -8.77 -23.59
C ARG A 99 -2.36 -7.78 -22.44
N ARG A 100 -1.46 -7.98 -21.49
CA ARG A 100 -1.15 -6.95 -20.50
C ARG A 100 -0.31 -5.89 -21.18
N GLY A 101 -0.92 -4.75 -21.49
CA GLY A 101 -0.35 -3.79 -22.42
C GLY A 101 0.77 -2.87 -21.97
N GLY A 102 1.69 -3.39 -21.17
CA GLY A 102 2.89 -2.65 -20.81
C GLY A 102 2.67 -1.40 -19.97
N SER A 103 3.76 -0.67 -19.73
CA SER A 103 3.75 0.49 -18.85
C SER A 103 2.82 1.61 -19.32
N SER A 104 2.80 1.84 -20.64
CA SER A 104 2.06 2.95 -21.22
C SER A 104 0.57 2.96 -20.86
N HIS A 105 0.01 1.77 -20.69
CA HIS A 105 -1.39 1.65 -20.29
C HIS A 105 -1.52 1.03 -18.90
N TYR A 106 -0.42 1.10 -18.15
CA TYR A 106 -0.35 0.57 -16.79
C TYR A 106 -0.80 -0.88 -16.74
N TYR A 107 -0.32 -1.66 -17.72
CA TYR A 107 -0.52 -3.11 -17.79
C TYR A 107 -1.97 -3.54 -17.86
N ALA A 108 -2.82 -2.64 -18.36
CA ALA A 108 -4.22 -2.97 -18.61
C ALA A 108 -4.34 -3.95 -19.77
N MET A 109 -5.38 -4.77 -19.75
CA MET A 109 -5.63 -5.71 -20.83
C MET A 109 -6.29 -5.00 -21.99
N ASP A 110 -5.48 -4.46 -22.91
CA ASP A 110 -5.99 -3.60 -23.96
C ASP A 110 -6.49 -4.37 -25.19
N TYR A 111 -5.98 -5.58 -25.40
CA TYR A 111 -6.43 -6.40 -26.52
C TYR A 111 -6.74 -7.82 -26.07
N TRP A 112 -7.89 -8.33 -26.51
CA TRP A 112 -8.37 -9.64 -26.10
C TRP A 112 -8.54 -10.59 -27.28
N GLY A 113 -8.39 -11.89 -27.02
CA GLY A 113 -8.74 -12.90 -28.00
C GLY A 113 -10.25 -13.03 -28.07
N GLN A 114 -10.74 -13.85 -28.99
CA GLN A 114 -12.18 -14.01 -29.17
C GLN A 114 -12.76 -15.01 -28.18
N GLY A 115 -11.89 -15.67 -27.43
CA GLY A 115 -12.33 -16.62 -26.43
C GLY A 115 -12.43 -18.03 -26.98
N THR A 116 -12.16 -19.01 -26.12
CA THR A 116 -12.27 -20.41 -26.48
C THR A 116 -13.20 -21.11 -25.50
N THR A 117 -14.26 -21.71 -26.02
CA THR A 117 -15.18 -22.47 -25.17
C THR A 117 -14.61 -23.85 -24.86
N VAL A 118 -14.46 -24.15 -23.58
CA VAL A 118 -14.07 -25.48 -23.16
C VAL A 118 -15.24 -26.11 -22.39
N THR A 119 -15.73 -27.23 -22.90
CA THR A 119 -16.80 -27.96 -22.23
C THR A 119 -16.26 -29.29 -21.72
N VAL A 120 -16.35 -29.49 -20.42
CA VAL A 120 -15.87 -30.72 -19.80
C VAL A 120 -17.05 -31.58 -19.36
N SER A 121 -17.22 -32.72 -20.01
CA SER A 121 -18.36 -33.59 -19.74
C SER A 121 -18.13 -35.03 -20.17
N SER A 122 -18.83 -35.96 -19.54
CA SER A 122 -18.71 -37.38 -19.85
C SER A 122 -19.72 -37.79 -20.92
N ALA A 123 -20.65 -36.89 -21.24
CA ALA A 123 -21.65 -37.15 -22.26
C ALA A 123 -21.00 -37.27 -23.63
N SER A 124 -21.49 -38.18 -24.45
CA SER A 124 -21.03 -38.32 -25.83
C SER A 124 -21.87 -37.42 -26.74
N PHE A 125 -21.30 -37.02 -27.88
CA PHE A 125 -22.02 -36.21 -28.86
C PHE A 125 -23.30 -36.93 -29.27
N LYS A 126 -24.41 -36.21 -29.25
CA LYS A 126 -25.73 -36.83 -29.38
C LYS A 126 -26.75 -35.83 -29.90
N GLY A 127 -27.54 -36.25 -30.89
CA GLY A 127 -28.56 -35.40 -31.46
C GLY A 127 -29.79 -35.31 -30.58
N PRO A 128 -30.59 -34.25 -30.75
CA PRO A 128 -31.77 -34.02 -29.91
C PRO A 128 -32.99 -34.80 -30.36
N SER A 129 -33.88 -35.09 -29.40
CA SER A 129 -35.23 -35.51 -29.70
C SER A 129 -36.08 -34.26 -29.79
N VAL A 130 -36.95 -34.19 -30.79
CA VAL A 130 -37.76 -32.98 -30.97
C VAL A 130 -39.24 -33.28 -30.80
N PHE A 131 -39.85 -32.65 -29.81
CA PHE A 131 -41.26 -32.89 -29.52
C PHE A 131 -42.07 -31.62 -29.73
N PRO A 132 -43.30 -31.76 -30.25
CA PRO A 132 -44.12 -30.57 -30.51
C PRO A 132 -44.72 -30.00 -29.23
N LEU A 133 -44.82 -28.69 -29.18
CA LEU A 133 -45.62 -28.01 -28.17
C LEU A 133 -46.87 -27.51 -28.88
N ALA A 134 -47.91 -28.34 -28.88
CA ALA A 134 -49.09 -28.12 -29.70
C ALA A 134 -49.85 -26.85 -29.32
N PRO A 135 -50.26 -26.06 -30.32
CA PRO A 135 -50.93 -24.78 -30.07
C PRO A 135 -52.26 -24.98 -29.34
N SER A 136 -52.64 -24.00 -28.52
CA SER A 136 -53.78 -24.15 -27.65
C SER A 136 -54.45 -22.82 -27.36
N GLY A 142 -57.49 -13.32 -27.15
CA GLY A 142 -57.15 -12.16 -27.95
C GLY A 142 -56.87 -12.52 -29.40
N GLY A 143 -57.13 -13.77 -29.76
CA GLY A 143 -56.92 -14.24 -31.11
C GLY A 143 -55.51 -14.75 -31.37
N THR A 144 -54.70 -14.81 -30.31
CA THR A 144 -53.33 -15.27 -30.43
C THR A 144 -53.12 -16.63 -29.80
N ALA A 145 -52.34 -17.48 -30.46
CA ALA A 145 -51.99 -18.78 -29.92
C ALA A 145 -50.47 -18.93 -29.91
N ALA A 146 -49.95 -19.64 -28.92
CA ALA A 146 -48.53 -19.94 -28.86
C ALA A 146 -48.33 -21.41 -29.19
N LEU A 147 -47.29 -21.68 -29.95
CA LEU A 147 -46.89 -23.05 -30.22
C LEU A 147 -45.39 -23.11 -30.23
N GLY A 148 -44.83 -24.32 -30.28
CA GLY A 148 -43.39 -24.43 -30.30
C GLY A 148 -42.88 -25.85 -30.35
N CYS A 149 -41.59 -25.99 -30.09
N CYS A 149 -41.59 -26.00 -30.08
CA CYS A 149 -40.94 -27.30 -30.09
CA CYS A 149 -40.98 -27.31 -30.05
C CYS A 149 -40.01 -27.46 -28.89
C CYS A 149 -40.02 -27.45 -28.88
N LEU A 150 -40.03 -28.64 -28.29
CA LEU A 150 -39.13 -28.96 -27.19
C LEU A 150 -37.95 -29.71 -27.77
N VAL A 151 -36.76 -29.14 -27.65
CA VAL A 151 -35.54 -29.74 -28.19
C VAL A 151 -34.74 -30.31 -27.04
N LYS A 152 -34.81 -31.63 -26.88
CA LYS A 152 -34.39 -32.26 -25.63
C LYS A 152 -33.29 -33.32 -25.79
N ASP A 153 -32.42 -33.38 -24.79
CA ASP A 153 -31.41 -34.43 -24.66
C ASP A 153 -30.38 -34.44 -25.79
N TYR A 154 -29.67 -33.33 -25.95
CA TYR A 154 -28.59 -33.29 -26.94
C TYR A 154 -27.29 -32.83 -26.29
N PHE A 155 -26.19 -33.11 -26.98
CA PHE A 155 -24.86 -32.67 -26.54
C PHE A 155 -23.90 -32.67 -27.73
N PRO A 156 -23.07 -31.62 -27.84
CA PRO A 156 -23.07 -30.44 -26.98
C PRO A 156 -23.87 -29.28 -27.58
N GLU A 157 -23.71 -28.10 -27.01
CA GLU A 157 -24.22 -26.88 -27.63
C GLU A 157 -23.40 -26.58 -28.88
N PRO A 158 -23.99 -25.87 -29.85
CA PRO A 158 -25.37 -25.38 -29.86
C PRO A 158 -26.28 -26.17 -30.78
N VAL A 159 -27.57 -25.88 -30.72
CA VAL A 159 -28.50 -26.26 -31.78
C VAL A 159 -29.02 -24.97 -32.40
N THR A 160 -29.44 -25.03 -33.66
CA THR A 160 -30.11 -23.89 -34.25
C THR A 160 -31.53 -24.28 -34.60
N VAL A 161 -32.46 -23.38 -34.27
CA VAL A 161 -33.87 -23.61 -34.53
C VAL A 161 -34.43 -22.50 -35.40
N SER A 162 -35.11 -22.88 -36.47
CA SER A 162 -35.80 -21.93 -37.31
C SER A 162 -37.22 -22.40 -37.51
N TRP A 163 -38.09 -21.51 -37.96
CA TRP A 163 -39.48 -21.88 -38.22
C TRP A 163 -39.82 -21.68 -39.68
N ASN A 164 -40.43 -22.71 -40.26
CA ASN A 164 -40.77 -22.74 -41.68
C ASN A 164 -39.59 -22.33 -42.57
N SER A 165 -38.43 -22.92 -42.28
CA SER A 165 -37.19 -22.67 -43.01
C SER A 165 -36.79 -21.18 -43.02
N GLY A 166 -37.16 -20.46 -41.96
CA GLY A 166 -36.77 -19.07 -41.83
C GLY A 166 -37.83 -18.09 -42.28
N ALA A 167 -38.91 -18.60 -42.85
CA ALA A 167 -40.01 -17.75 -43.31
C ALA A 167 -40.74 -17.09 -42.15
N LEU A 168 -40.76 -17.78 -41.01
CA LEU A 168 -41.43 -17.26 -39.82
C LEU A 168 -40.40 -16.84 -38.77
N THR A 169 -40.31 -15.54 -38.52
CA THR A 169 -39.31 -15.01 -37.59
C THR A 169 -39.95 -14.12 -36.53
N SER A 170 -41.06 -13.48 -36.86
CA SER A 170 -41.74 -12.60 -35.93
C SER A 170 -42.44 -13.37 -34.82
N GLY A 171 -42.22 -12.95 -33.58
CA GLY A 171 -42.84 -13.59 -32.44
C GLY A 171 -42.17 -14.88 -32.02
N VAL A 172 -40.98 -15.13 -32.57
CA VAL A 172 -40.23 -16.33 -32.24
C VAL A 172 -39.31 -16.11 -31.04
N HIS A 173 -39.37 -17.04 -30.08
CA HIS A 173 -38.44 -17.01 -28.96
C HIS A 173 -37.77 -18.37 -28.81
N THR A 174 -36.46 -18.40 -28.99
CA THR A 174 -35.70 -19.60 -28.70
C THR A 174 -34.90 -19.38 -27.43
N PHE A 175 -35.18 -20.21 -26.42
CA PHE A 175 -34.64 -20.00 -25.09
C PHE A 175 -33.25 -20.57 -24.94
N PRO A 176 -32.43 -19.95 -24.07
CA PRO A 176 -31.10 -20.48 -23.76
C PRO A 176 -31.20 -21.93 -23.30
N ALA A 177 -30.27 -22.76 -23.74
CA ALA A 177 -30.26 -24.16 -23.35
C ALA A 177 -30.01 -24.29 -21.86
N VAL A 178 -30.61 -25.31 -21.26
CA VAL A 178 -30.33 -25.64 -19.86
C VAL A 178 -29.71 -27.03 -19.79
N LEU A 179 -28.63 -27.16 -19.03
CA LEU A 179 -28.00 -28.45 -18.81
C LEU A 179 -28.80 -29.26 -17.79
N GLN A 180 -29.27 -30.43 -18.20
CA GLN A 180 -30.02 -31.28 -17.29
C GLN A 180 -29.07 -32.08 -16.41
N SER A 181 -29.61 -32.75 -15.40
CA SER A 181 -28.80 -33.52 -14.47
C SER A 181 -28.16 -34.73 -15.15
N SER A 182 -28.65 -35.07 -16.34
CA SER A 182 -28.14 -36.21 -17.10
C SER A 182 -26.88 -35.86 -17.87
N GLY A 183 -26.52 -34.57 -17.89
CA GLY A 183 -25.38 -34.11 -18.67
C GLY A 183 -25.77 -33.75 -20.09
N LEU A 184 -27.07 -33.76 -20.37
CA LEU A 184 -27.57 -33.39 -21.69
C LEU A 184 -28.31 -32.07 -21.63
N TYR A 185 -28.32 -31.34 -22.75
CA TYR A 185 -28.99 -30.06 -22.82
C TYR A 185 -30.43 -30.20 -23.25
N SER A 186 -31.23 -29.18 -22.93
CA SER A 186 -32.61 -29.12 -23.40
C SER A 186 -33.03 -27.67 -23.56
N LEU A 187 -33.82 -27.40 -24.60
CA LEU A 187 -34.39 -26.07 -24.76
C LEU A 187 -35.72 -26.12 -25.46
N SER A 188 -36.43 -24.99 -25.43
CA SER A 188 -37.66 -24.85 -26.18
C SER A 188 -37.55 -23.65 -27.11
N SER A 189 -38.22 -23.75 -28.25
CA SER A 189 -38.39 -22.62 -29.15
C SER A 189 -39.88 -22.43 -29.33
N VAL A 190 -40.36 -21.19 -29.18
CA VAL A 190 -41.80 -20.95 -29.31
C VAL A 190 -42.10 -19.81 -30.25
N VAL A 191 -43.33 -19.76 -30.72
CA VAL A 191 -43.78 -18.66 -31.57
C VAL A 191 -45.26 -18.40 -31.30
N THR A 192 -45.66 -17.14 -31.35
CA THR A 192 -47.07 -16.78 -31.24
C THR A 192 -47.64 -16.48 -32.62
N VAL A 193 -48.81 -17.04 -32.92
CA VAL A 193 -49.43 -16.89 -34.23
C VAL A 193 -50.92 -16.60 -34.09
N PRO A 194 -51.55 -16.05 -35.15
CA PRO A 194 -53.02 -15.90 -35.11
C PRO A 194 -53.72 -17.24 -34.95
N SER A 195 -54.67 -17.32 -34.03
CA SER A 195 -55.36 -18.58 -33.77
C SER A 195 -56.18 -19.03 -34.98
N SER A 196 -56.60 -18.07 -35.79
CA SER A 196 -57.38 -18.36 -37.00
C SER A 196 -56.54 -19.02 -38.08
N SER A 197 -55.23 -19.06 -37.88
CA SER A 197 -54.32 -19.62 -38.87
C SER A 197 -54.01 -21.09 -38.61
N LEU A 198 -54.44 -21.60 -37.47
CA LEU A 198 -54.03 -22.92 -37.01
C LEU A 198 -54.54 -24.06 -37.88
N GLY A 199 -55.69 -23.86 -38.51
CA GLY A 199 -56.27 -24.89 -39.34
C GLY A 199 -55.66 -24.99 -40.73
N THR A 200 -55.00 -23.92 -41.16
CA THR A 200 -54.60 -23.83 -42.57
C THR A 200 -53.13 -23.53 -42.79
N GLN A 201 -52.48 -22.92 -41.81
CA GLN A 201 -51.05 -22.64 -41.93
C GLN A 201 -50.22 -23.76 -41.32
N THR A 202 -49.27 -24.27 -42.09
CA THR A 202 -48.37 -25.30 -41.61
C THR A 202 -47.25 -24.67 -40.80
N TYR A 203 -46.97 -25.25 -39.63
CA TYR A 203 -45.89 -24.74 -38.79
C TYR A 203 -44.88 -25.85 -38.53
N ILE A 204 -43.65 -25.62 -38.97
CA ILE A 204 -42.60 -26.61 -38.89
C ILE A 204 -41.35 -26.03 -38.24
N CYS A 205 -40.85 -26.71 -37.21
N CYS A 205 -40.86 -26.70 -37.21
N CYS A 205 -40.82 -26.75 -37.26
CA CYS A 205 -39.62 -26.26 -36.57
CA CYS A 205 -39.62 -26.30 -36.58
CA CYS A 205 -39.63 -26.33 -36.53
C CYS A 205 -38.44 -27.06 -37.11
C CYS A 205 -38.48 -27.06 -37.25
C CYS A 205 -38.38 -27.07 -37.02
N ASN A 206 -37.45 -26.34 -37.62
CA ASN A 206 -36.25 -26.94 -38.18
C ASN A 206 -35.12 -26.91 -37.17
N VAL A 207 -34.66 -28.09 -36.75
CA VAL A 207 -33.63 -28.18 -35.73
C VAL A 207 -32.33 -28.73 -36.29
N ASN A 208 -31.31 -27.87 -36.34
CA ASN A 208 -29.98 -28.27 -36.80
C ASN A 208 -29.02 -28.47 -35.64
N HIS A 209 -28.33 -29.61 -35.63
CA HIS A 209 -27.31 -29.89 -34.64
C HIS A 209 -26.05 -30.40 -35.32
N LYS A 210 -25.17 -29.47 -35.69
CA LYS A 210 -23.97 -29.78 -36.45
C LYS A 210 -23.01 -30.78 -35.78
N PRO A 211 -22.80 -30.67 -34.44
CA PRO A 211 -21.91 -31.65 -33.80
C PRO A 211 -22.32 -33.13 -33.99
N SER A 212 -23.61 -33.40 -34.14
CA SER A 212 -24.05 -34.77 -34.37
C SER A 212 -24.48 -34.97 -35.82
N ASN A 213 -24.34 -33.90 -36.62
CA ASN A 213 -24.76 -33.90 -38.02
C ASN A 213 -26.19 -34.36 -38.22
N THR A 214 -27.10 -33.80 -37.43
CA THR A 214 -28.51 -34.16 -37.53
C THR A 214 -29.37 -32.96 -37.89
N LYS A 215 -30.34 -33.20 -38.78
CA LYS A 215 -31.35 -32.21 -39.11
C LYS A 215 -32.72 -32.82 -38.89
N VAL A 216 -33.58 -32.12 -38.16
CA VAL A 216 -34.93 -32.59 -37.89
C VAL A 216 -35.95 -31.51 -38.24
N ASP A 217 -36.97 -31.90 -39.01
CA ASP A 217 -38.10 -31.03 -39.27
C ASP A 217 -39.35 -31.62 -38.61
N LYS A 218 -39.87 -30.93 -37.61
CA LYS A 218 -41.05 -31.42 -36.91
C LYS A 218 -42.24 -30.50 -37.17
N LYS A 219 -43.29 -31.04 -37.78
CA LYS A 219 -44.52 -30.29 -37.96
C LYS A 219 -45.27 -30.23 -36.63
N VAL A 220 -45.73 -29.04 -36.27
CA VAL A 220 -46.48 -28.86 -35.04
C VAL A 220 -47.96 -28.66 -35.37
N GLU A 221 -48.78 -29.58 -34.94
CA GLU A 221 -50.18 -29.58 -35.27
C GLU A 221 -51.09 -29.32 -34.12
N PRO A 222 -52.22 -28.60 -34.47
CA PRO A 222 -53.16 -28.40 -33.37
C PRO A 222 -53.62 -29.68 -32.76
N LYS A 223 -54.02 -29.55 -31.52
CA LYS A 223 -54.34 -30.68 -30.70
C LYS A 223 -55.65 -31.42 -30.98
N SER A 224 -56.56 -30.83 -31.74
CA SER A 224 -57.89 -31.43 -31.97
C SER A 224 -58.89 -31.20 -30.83
N CYS A 225 -58.42 -31.18 -29.59
CA CYS A 225 -59.21 -30.56 -28.55
C CYS A 225 -58.28 -30.12 -27.46
N ASP A 226 -58.63 -28.98 -26.92
CA ASP A 226 -57.96 -28.51 -25.70
C ASP A 226 -58.90 -27.89 -24.63
N LYS A 227 -58.64 -28.24 -23.37
CA LYS A 227 -59.44 -27.77 -22.23
C LYS A 227 -58.60 -27.09 -21.19
N THR A 228 -57.64 -26.32 -21.66
CA THR A 228 -56.79 -25.58 -20.76
C THR A 228 -57.64 -24.57 -19.99
N HIS A 229 -57.55 -24.61 -18.67
CA HIS A 229 -58.30 -23.68 -17.84
C HIS A 229 -57.43 -22.51 -17.42
N THR A 230 -58.07 -21.39 -17.11
CA THR A 230 -57.38 -20.18 -16.69
C THR A 230 -58.03 -19.60 -15.44
N GLY A 231 -57.22 -19.29 -14.43
CA GLY A 231 -57.71 -18.69 -13.21
C GLY A 231 -56.95 -17.42 -12.84
N GLY A 232 -57.59 -16.56 -12.05
CA GLY A 232 -56.99 -15.33 -11.59
C GLY A 232 -56.54 -14.43 -12.73
N GLY A 233 -55.61 -13.52 -12.43
CA GLY A 233 -55.00 -12.69 -13.45
C GLY A 233 -55.37 -11.23 -13.40
N GLY A 234 -54.62 -10.41 -14.14
CA GLY A 234 -54.87 -8.98 -14.19
C GLY A 234 -53.91 -8.27 -15.13
N LYS B 1 -3.28 -9.58 -0.38
CA LYS B 1 -2.95 -10.88 -0.95
C LYS B 1 -4.12 -11.45 -1.75
N ASP B 2 -5.27 -11.58 -1.11
CA ASP B 2 -6.45 -12.13 -1.76
C ASP B 2 -7.60 -11.12 -1.74
N ILE B 3 -7.70 -10.33 -2.82
CA ILE B 3 -8.61 -9.19 -2.84
C ILE B 3 -9.99 -9.55 -3.37
N VAL B 4 -11.02 -9.19 -2.62
CA VAL B 4 -12.39 -9.32 -3.09
C VAL B 4 -12.89 -7.96 -3.59
N MET B 5 -13.38 -7.93 -4.82
CA MET B 5 -13.93 -6.72 -5.39
C MET B 5 -15.45 -6.76 -5.29
N THR B 6 -16.03 -5.83 -4.55
CA THR B 6 -17.47 -5.80 -4.37
C THR B 6 -18.09 -4.73 -5.27
N GLN B 7 -18.70 -5.18 -6.36
CA GLN B 7 -19.23 -4.29 -7.38
C GLN B 7 -20.74 -4.17 -7.28
N THR B 8 -21.24 -2.93 -7.25
CA THR B 8 -22.67 -2.68 -7.06
C THR B 8 -23.17 -1.57 -8.00
N PRO B 9 -24.42 -1.67 -8.47
CA PRO B 9 -25.33 -2.81 -8.27
C PRO B 9 -25.06 -3.93 -9.28
N SER B 10 -25.66 -5.09 -9.09
CA SER B 10 -25.44 -6.21 -10.01
C SER B 10 -26.16 -5.98 -11.33
N SER B 11 -27.24 -5.19 -11.28
CA SER B 11 -27.93 -4.78 -12.50
C SER B 11 -28.42 -3.35 -12.35
N LEU B 12 -28.39 -2.60 -13.45
CA LEU B 12 -28.76 -1.20 -13.41
C LEU B 12 -29.65 -0.84 -14.59
N PRO B 13 -30.96 -0.82 -14.36
CA PRO B 13 -31.90 -0.37 -15.39
C PRO B 13 -31.76 1.14 -15.61
N VAL B 14 -31.52 1.54 -16.85
CA VAL B 14 -31.31 2.95 -17.15
C VAL B 14 -32.08 3.35 -18.41
N SER B 15 -32.51 4.61 -18.46
CA SER B 15 -33.08 5.15 -19.68
C SER B 15 -31.95 5.74 -20.51
N LEU B 16 -32.10 5.71 -21.83
CA LEU B 16 -31.10 6.33 -22.70
C LEU B 16 -31.04 7.82 -22.40
N GLY B 17 -29.84 8.36 -22.35
CA GLY B 17 -29.64 9.78 -22.08
C GLY B 17 -29.38 10.07 -20.62
N ASP B 18 -29.76 9.13 -19.75
CA ASP B 18 -29.59 9.31 -18.32
C ASP B 18 -28.15 9.03 -17.88
N GLN B 19 -27.80 9.53 -16.70
CA GLN B 19 -26.49 9.27 -16.12
C GLN B 19 -26.50 7.93 -15.39
N ALA B 20 -25.39 7.19 -15.48
CA ALA B 20 -25.27 5.92 -14.78
C ALA B 20 -23.98 5.88 -13.96
N SER B 21 -24.07 5.31 -12.76
CA SER B 21 -22.92 5.23 -11.87
C SER B 21 -22.76 3.82 -11.31
N ILE B 22 -21.57 3.27 -11.45
CA ILE B 22 -21.26 1.93 -10.97
C ILE B 22 -20.12 2.00 -9.98
N SER B 23 -20.29 1.38 -8.81
CA SER B 23 -19.26 1.44 -7.78
C SER B 23 -18.56 0.11 -7.60
N CYS B 24 -17.30 0.19 -7.18
CA CYS B 24 -16.50 -0.99 -6.92
C CYS B 24 -15.68 -0.76 -5.66
N ARG B 25 -15.85 -1.64 -4.67
N ARG B 25 -15.85 -1.65 -4.68
CA ARG B 25 -15.11 -1.52 -3.43
CA ARG B 25 -15.11 -1.55 -3.43
C ARG B 25 -14.21 -2.74 -3.22
C ARG B 25 -14.20 -2.76 -3.27
N SER B 26 -12.92 -2.49 -2.97
CA SER B 26 -11.97 -3.56 -2.72
C SER B 26 -11.97 -3.91 -1.24
N SER B 27 -11.73 -5.18 -0.92
CA SER B 27 -11.78 -5.64 0.47
C SER B 27 -10.62 -5.09 1.30
N GLN B 28 -9.59 -4.61 0.63
CA GLN B 28 -8.49 -3.90 1.29
C GLN B 28 -7.76 -3.06 0.24
N SER B 29 -6.77 -2.30 0.69
CA SER B 29 -6.01 -1.40 -0.18
C SER B 29 -5.48 -2.10 -1.43
N ILE B 30 -5.68 -1.48 -2.59
CA ILE B 30 -5.07 -2.00 -3.82
C ILE B 30 -4.06 -1.00 -4.37
N VAL B 31 -3.43 -0.25 -3.48
CA VAL B 31 -2.29 0.57 -3.86
C VAL B 31 -1.07 -0.34 -3.95
N HIS B 32 -0.47 -0.41 -5.13
CA HIS B 32 0.75 -1.22 -5.31
C HIS B 32 1.89 -0.62 -4.51
N SER B 33 2.90 -1.43 -4.22
CA SER B 33 4.06 -0.96 -3.46
C SER B 33 4.82 0.15 -4.18
N ASN B 34 4.62 0.29 -5.49
CA ASN B 34 5.25 1.38 -6.22
C ASN B 34 4.40 2.67 -6.17
N GLY B 35 3.28 2.61 -5.47
CA GLY B 35 2.44 3.79 -5.29
C GLY B 35 1.27 3.91 -6.24
N ASN B 36 1.29 3.15 -7.32
CA ASN B 36 0.21 3.20 -8.31
C ASN B 36 -0.95 2.28 -7.96
N THR B 37 -2.13 2.63 -8.43
CA THR B 37 -3.31 1.79 -8.24
C THR B 37 -3.78 1.26 -9.58
N TYR B 38 -3.62 -0.04 -9.79
CA TYR B 38 -3.93 -0.67 -11.07
C TYR B 38 -5.37 -1.16 -11.11
N LEU B 39 -6.28 -0.20 -11.20
CA LEU B 39 -7.71 -0.47 -11.24
C LEU B 39 -8.20 -0.21 -12.65
N GLU B 40 -8.88 -1.20 -13.23
CA GLU B 40 -9.36 -1.08 -14.60
C GLU B 40 -10.84 -1.40 -14.72
N TRP B 41 -11.49 -0.81 -15.72
CA TRP B 41 -12.88 -1.10 -16.01
C TRP B 41 -13.04 -1.70 -17.41
N TYR B 42 -13.80 -2.78 -17.50
CA TYR B 42 -14.05 -3.44 -18.78
C TYR B 42 -15.54 -3.48 -19.09
N LEU B 43 -15.85 -3.47 -20.39
CA LEU B 43 -17.23 -3.64 -20.86
C LEU B 43 -17.30 -4.83 -21.78
N GLN B 44 -18.21 -5.75 -21.49
CA GLN B 44 -18.44 -6.89 -22.38
C GLN B 44 -19.87 -6.87 -22.91
N LYS B 45 -20.01 -6.64 -24.21
CA LYS B 45 -21.30 -6.68 -24.87
C LYS B 45 -21.60 -8.13 -25.27
N PRO B 46 -22.89 -8.48 -25.42
CA PRO B 46 -23.25 -9.88 -25.71
C PRO B 46 -22.60 -10.40 -26.99
N GLY B 47 -22.04 -11.61 -26.92
CA GLY B 47 -21.39 -12.22 -28.06
C GLY B 47 -19.97 -11.74 -28.31
N GLN B 48 -19.49 -10.83 -27.46
CA GLN B 48 -18.17 -10.23 -27.66
C GLN B 48 -17.24 -10.47 -26.47
N SER B 49 -15.94 -10.27 -26.71
CA SER B 49 -14.95 -10.29 -25.66
C SER B 49 -15.04 -9.00 -24.86
N PRO B 50 -14.55 -9.01 -23.61
CA PRO B 50 -14.49 -7.76 -22.86
C PRO B 50 -13.60 -6.74 -23.56
N LYS B 51 -13.88 -5.46 -23.36
CA LYS B 51 -13.07 -4.40 -23.93
C LYS B 51 -12.67 -3.41 -22.85
N LEU B 52 -11.46 -2.87 -22.94
CA LEU B 52 -10.94 -1.96 -21.95
C LEU B 52 -11.56 -0.57 -22.06
N LEU B 53 -12.01 -0.04 -20.92
CA LEU B 53 -12.58 1.30 -20.88
C LEU B 53 -11.65 2.29 -20.20
N ILE B 54 -11.24 1.92 -18.99
CA ILE B 54 -10.47 2.81 -18.14
C ILE B 54 -9.36 2.04 -17.43
N TYR B 55 -8.17 2.62 -17.40
CA TYR B 55 -7.05 2.01 -16.69
C TYR B 55 -6.47 2.99 -15.68
N LYS B 56 -5.69 2.47 -14.75
CA LYS B 56 -5.12 3.26 -13.65
C LYS B 56 -6.17 4.19 -13.04
N VAL B 57 -7.30 3.60 -12.67
CA VAL B 57 -8.40 4.28 -11.97
C VAL B 57 -9.21 5.26 -12.82
N SER B 58 -8.53 6.14 -13.56
CA SER B 58 -9.24 7.26 -14.20
C SER B 58 -8.81 7.58 -15.63
N ASN B 59 -7.87 6.83 -16.19
CA ASN B 59 -7.42 7.10 -17.55
C ASN B 59 -8.28 6.41 -18.61
N ARG B 60 -8.83 7.19 -19.53
CA ARG B 60 -9.61 6.65 -20.65
C ARG B 60 -8.70 6.02 -21.70
N PHE B 61 -8.99 4.77 -22.02
CA PHE B 61 -8.29 4.08 -23.11
C PHE B 61 -8.63 4.76 -24.43
N SER B 62 -7.69 4.74 -25.37
CA SER B 62 -7.88 5.39 -26.66
C SER B 62 -9.13 4.88 -27.38
N GLY B 63 -9.94 5.80 -27.89
CA GLY B 63 -11.15 5.44 -28.61
C GLY B 63 -12.39 5.37 -27.74
N VAL B 64 -12.19 5.43 -26.42
CA VAL B 64 -13.33 5.43 -25.50
C VAL B 64 -13.90 6.84 -25.35
N PRO B 65 -15.21 6.97 -25.57
CA PRO B 65 -15.92 8.27 -25.48
C PRO B 65 -15.73 8.95 -24.12
N ASP B 66 -15.65 10.27 -24.12
CA ASP B 66 -15.35 11.00 -22.88
C ASP B 66 -16.55 11.05 -21.92
N ARG B 67 -17.67 10.46 -22.32
CA ARG B 67 -18.80 10.34 -21.42
C ARG B 67 -18.52 9.29 -20.35
N PHE B 68 -17.51 8.46 -20.58
CA PHE B 68 -17.03 7.51 -19.57
C PHE B 68 -15.95 8.17 -18.71
N SER B 69 -16.10 8.08 -17.40
CA SER B 69 -15.07 8.56 -16.49
C SER B 69 -14.99 7.68 -15.25
N GLY B 70 -13.80 7.63 -14.65
CA GLY B 70 -13.59 6.83 -13.47
C GLY B 70 -12.93 7.65 -12.39
N SER B 71 -13.23 7.30 -11.14
CA SER B 71 -12.62 7.97 -10.00
C SER B 71 -12.44 6.97 -8.87
N GLY B 72 -11.61 7.30 -7.89
CA GLY B 72 -11.35 6.38 -6.81
C GLY B 72 -10.56 6.93 -5.67
N SER B 73 -11.12 6.80 -4.47
CA SER B 73 -10.45 7.27 -3.25
C SER B 73 -10.40 6.14 -2.23
N GLY B 74 -9.19 5.80 -1.79
CA GLY B 74 -9.01 4.72 -0.83
C GLY B 74 -9.29 3.37 -1.45
N THR B 75 -10.38 2.73 -1.01
CA THR B 75 -10.77 1.43 -1.53
C THR B 75 -12.12 1.51 -2.25
N ASP B 76 -12.60 2.73 -2.48
CA ASP B 76 -13.86 2.95 -3.19
C ASP B 76 -13.61 3.54 -4.56
N PHE B 77 -14.16 2.90 -5.60
CA PHE B 77 -13.95 3.34 -6.96
C PHE B 77 -15.29 3.42 -7.69
N THR B 78 -15.38 4.32 -8.66
CA THR B 78 -16.64 4.57 -9.35
C THR B 78 -16.45 4.77 -10.86
N LEU B 79 -17.25 4.07 -11.65
CA LEU B 79 -17.34 4.33 -13.08
C LEU B 79 -18.61 5.14 -13.37
N LYS B 80 -18.44 6.28 -14.04
CA LYS B 80 -19.57 7.13 -14.36
C LYS B 80 -19.79 7.25 -15.87
N ILE B 81 -21.04 7.11 -16.28
CA ILE B 81 -21.44 7.35 -17.66
C ILE B 81 -22.38 8.55 -17.68
N SER B 82 -21.91 9.68 -18.21
CA SER B 82 -22.64 10.94 -18.10
C SER B 82 -23.98 10.91 -18.85
N ARG B 83 -24.01 10.24 -19.99
CA ARG B 83 -25.24 10.13 -20.79
C ARG B 83 -25.27 8.80 -21.53
N VAL B 84 -26.09 7.88 -21.04
CA VAL B 84 -26.09 6.51 -21.56
C VAL B 84 -26.64 6.42 -22.98
N GLU B 85 -25.85 5.81 -23.87
CA GLU B 85 -26.29 5.53 -25.23
C GLU B 85 -26.49 4.03 -25.40
N ALA B 86 -27.20 3.64 -26.46
CA ALA B 86 -27.59 2.25 -26.68
C ALA B 86 -26.40 1.29 -26.73
N GLU B 87 -25.27 1.77 -27.24
CA GLU B 87 -24.09 0.93 -27.39
C GLU B 87 -23.36 0.69 -26.05
N ASP B 88 -23.79 1.40 -25.00
CA ASP B 88 -23.16 1.26 -23.70
C ASP B 88 -23.78 0.12 -22.90
N LEU B 89 -24.85 -0.44 -23.42
CA LEU B 89 -25.54 -1.54 -22.74
C LEU B 89 -24.70 -2.81 -22.79
N GLY B 90 -24.70 -3.55 -21.68
CA GLY B 90 -23.88 -4.73 -21.53
C GLY B 90 -23.42 -4.87 -20.09
N ILE B 91 -22.44 -5.74 -19.86
CA ILE B 91 -21.97 -6.00 -18.51
C ILE B 91 -20.62 -5.34 -18.25
N TYR B 92 -20.56 -4.54 -17.19
CA TYR B 92 -19.34 -3.85 -16.79
C TYR B 92 -18.63 -4.59 -15.67
N TYR B 93 -17.30 -4.66 -15.76
CA TYR B 93 -16.48 -5.32 -14.76
C TYR B 93 -15.38 -4.41 -14.27
N CYS B 94 -15.22 -4.31 -12.94
CA CYS B 94 -14.01 -3.70 -12.39
C CYS B 94 -12.97 -4.80 -12.20
N PHE B 95 -11.72 -4.39 -12.07
CA PHE B 95 -10.59 -5.32 -12.04
C PHE B 95 -9.41 -4.66 -11.33
N GLN B 96 -8.80 -5.37 -10.39
CA GLN B 96 -7.57 -4.90 -9.79
C GLN B 96 -6.44 -5.81 -10.22
N GLY B 97 -5.35 -5.21 -10.68
CA GLY B 97 -4.17 -5.95 -11.08
C GLY B 97 -2.97 -5.54 -10.24
N SER B 98 -3.26 -4.95 -9.07
CA SER B 98 -2.21 -4.50 -8.17
C SER B 98 -1.61 -5.66 -7.38
N LEU B 99 -2.47 -6.56 -6.92
CA LEU B 99 -2.05 -7.67 -6.09
C LEU B 99 -2.37 -9.02 -6.73
N VAL B 100 -1.51 -10.00 -6.50
CA VAL B 100 -1.67 -11.33 -7.07
C VAL B 100 -2.41 -12.25 -6.09
N PRO B 101 -3.44 -12.97 -6.57
CA PRO B 101 -3.92 -12.95 -7.96
C PRO B 101 -4.78 -11.75 -8.27
N PRO B 102 -4.68 -11.23 -9.50
CA PRO B 102 -5.62 -10.20 -9.98
C PRO B 102 -7.05 -10.70 -9.86
N THR B 103 -7.99 -9.81 -9.55
CA THR B 103 -9.37 -10.23 -9.34
C THR B 103 -10.36 -9.26 -9.95
N PHE B 104 -11.50 -9.80 -10.37
CA PHE B 104 -12.59 -9.04 -10.98
C PHE B 104 -13.77 -8.84 -10.03
N GLY B 105 -14.53 -7.77 -10.24
CA GLY B 105 -15.84 -7.66 -9.63
C GLY B 105 -16.78 -8.65 -10.30
N ALA B 106 -17.96 -8.87 -9.70
CA ALA B 106 -18.91 -9.85 -10.22
C ALA B 106 -19.66 -9.34 -11.45
N GLY B 107 -19.52 -8.05 -11.74
CA GLY B 107 -20.13 -7.48 -12.93
C GLY B 107 -21.41 -6.71 -12.65
N THR B 108 -21.64 -5.70 -13.49
CA THR B 108 -22.87 -4.91 -13.43
C THR B 108 -23.53 -4.89 -14.80
N LYS B 109 -24.73 -5.45 -14.90
CA LYS B 109 -25.43 -5.47 -16.18
C LYS B 109 -26.27 -4.22 -16.36
N LEU B 110 -25.84 -3.37 -17.30
CA LEU B 110 -26.58 -2.17 -17.65
C LEU B 110 -27.71 -2.50 -18.62
N GLU B 111 -28.95 -2.35 -18.15
CA GLU B 111 -30.13 -2.75 -18.92
C GLU B 111 -30.99 -1.55 -19.29
N LEU B 112 -31.86 -1.74 -20.28
CA LEU B 112 -32.76 -0.68 -20.71
C LEU B 112 -34.03 -0.69 -19.87
N LYS B 113 -34.32 0.42 -19.21
CA LYS B 113 -35.53 0.56 -18.41
C LYS B 113 -36.74 0.80 -19.31
N ARG B 114 -37.89 0.28 -18.89
CA ARG B 114 -39.15 0.52 -19.60
C ARG B 114 -40.33 0.31 -18.66
N GLY B 115 -41.53 0.52 -19.17
CA GLY B 115 -42.73 0.35 -18.38
C GLY B 115 -43.01 -1.12 -18.10
N ALA B 116 -43.66 -1.38 -16.97
CA ALA B 116 -44.04 -2.75 -16.61
C ALA B 116 -44.96 -3.33 -17.66
N ALA B 117 -44.77 -4.61 -17.97
CA ALA B 117 -45.63 -5.31 -18.90
C ALA B 117 -45.94 -6.71 -18.37
N ALA B 118 -47.21 -7.08 -18.38
CA ALA B 118 -47.65 -8.37 -17.88
C ALA B 118 -47.31 -9.46 -18.90
N PRO B 119 -46.91 -10.65 -18.42
CA PRO B 119 -46.65 -11.73 -19.36
C PRO B 119 -47.94 -12.34 -19.88
N SER B 120 -47.91 -12.80 -21.14
CA SER B 120 -48.93 -13.70 -21.63
C SER B 120 -48.50 -15.12 -21.25
N VAL B 121 -49.40 -15.88 -20.63
CA VAL B 121 -49.01 -17.18 -20.08
C VAL B 121 -49.67 -18.33 -20.83
N PHE B 122 -48.88 -19.35 -21.14
CA PHE B 122 -49.36 -20.54 -21.85
C PHE B 122 -48.85 -21.79 -21.17
N ILE B 123 -49.64 -22.87 -21.23
CA ILE B 123 -49.18 -24.16 -20.71
C ILE B 123 -49.31 -25.23 -21.79
N PHE B 124 -48.33 -26.14 -21.82
CA PHE B 124 -48.30 -27.22 -22.81
C PHE B 124 -48.16 -28.57 -22.14
N PRO B 125 -49.14 -29.46 -22.33
CA PRO B 125 -49.00 -30.84 -21.86
C PRO B 125 -47.90 -31.56 -22.65
N PRO B 126 -47.40 -32.68 -22.14
CA PRO B 126 -46.42 -33.46 -22.90
C PRO B 126 -47.03 -34.05 -24.17
N SER B 127 -46.22 -34.18 -25.22
CA SER B 127 -46.69 -34.80 -26.46
C SER B 127 -46.85 -36.31 -26.30
N ASP B 128 -47.68 -36.90 -27.15
CA ASP B 128 -47.84 -38.34 -27.19
C ASP B 128 -46.52 -39.01 -27.54
N GLU B 129 -45.77 -38.40 -28.45
CA GLU B 129 -44.48 -38.94 -28.87
C GLU B 129 -43.52 -39.05 -27.69
N GLN B 130 -43.45 -38.01 -26.86
CA GLN B 130 -42.54 -38.04 -25.73
C GLN B 130 -42.97 -39.08 -24.69
N LEU B 131 -44.27 -39.20 -24.49
CA LEU B 131 -44.80 -40.14 -23.50
C LEU B 131 -44.45 -41.58 -23.86
N LYS B 132 -44.47 -41.90 -25.15
CA LYS B 132 -44.08 -43.22 -25.62
C LYS B 132 -42.67 -43.59 -25.18
N SER B 133 -41.82 -42.58 -24.99
CA SER B 133 -40.43 -42.80 -24.60
C SER B 133 -40.25 -42.88 -23.09
N GLY B 134 -41.33 -42.64 -22.34
CA GLY B 134 -41.30 -42.85 -20.89
C GLY B 134 -41.05 -41.62 -20.05
N THR B 135 -41.05 -40.45 -20.69
CA THR B 135 -40.84 -39.18 -19.98
C THR B 135 -41.93 -38.18 -20.33
N ALA B 136 -42.32 -37.36 -19.36
CA ALA B 136 -43.30 -36.31 -19.58
C ALA B 136 -42.73 -34.95 -19.21
N SER B 137 -42.67 -34.05 -20.18
CA SER B 137 -42.25 -32.69 -19.91
C SER B 137 -43.44 -31.75 -20.05
N VAL B 138 -43.74 -31.02 -18.98
CA VAL B 138 -44.81 -30.04 -19.01
C VAL B 138 -44.17 -28.65 -19.06
N VAL B 139 -44.63 -27.82 -20.00
CA VAL B 139 -43.98 -26.54 -20.24
C VAL B 139 -44.91 -25.36 -19.97
N CYS B 140 -44.42 -24.41 -19.17
CA CYS B 140 -45.13 -23.16 -18.89
C CYS B 140 -44.35 -22.02 -19.54
N LEU B 141 -45.03 -21.22 -20.36
CA LEU B 141 -44.38 -20.14 -21.09
C LEU B 141 -44.87 -18.77 -20.63
N LEU B 142 -43.94 -17.87 -20.35
CA LEU B 142 -44.25 -16.49 -20.02
C LEU B 142 -43.71 -15.59 -21.11
N ASN B 143 -44.59 -14.90 -21.83
CA ASN B 143 -44.17 -14.15 -23.00
C ASN B 143 -44.20 -12.63 -22.82
N ASN B 144 -43.08 -11.97 -23.14
CA ASN B 144 -43.01 -10.51 -23.26
C ASN B 144 -43.39 -9.74 -21.99
N PHE B 145 -42.63 -9.95 -20.93
CA PHE B 145 -42.90 -9.24 -19.68
C PHE B 145 -41.72 -8.35 -19.26
N TYR B 146 -42.02 -7.41 -18.37
CA TYR B 146 -41.01 -6.55 -17.76
C TYR B 146 -41.58 -6.05 -16.43
N PRO B 147 -40.75 -6.01 -15.37
CA PRO B 147 -39.32 -6.35 -15.34
C PRO B 147 -39.05 -7.86 -15.31
N ARG B 148 -37.79 -8.22 -15.13
CA ARG B 148 -37.34 -9.61 -15.23
C ARG B 148 -37.91 -10.51 -14.12
N GLU B 149 -38.09 -9.94 -12.94
CA GLU B 149 -38.53 -10.71 -11.78
C GLU B 149 -39.93 -11.30 -11.97
N ALA B 150 -40.02 -12.63 -11.88
CA ALA B 150 -41.30 -13.33 -12.01
C ALA B 150 -41.28 -14.62 -11.20
N LYS B 151 -42.43 -14.98 -10.64
CA LYS B 151 -42.53 -16.20 -9.85
C LYS B 151 -43.39 -17.23 -10.57
N VAL B 152 -42.82 -18.39 -10.85
CA VAL B 152 -43.56 -19.47 -11.50
C VAL B 152 -43.63 -20.69 -10.58
N GLN B 153 -44.84 -21.05 -10.19
CA GLN B 153 -45.05 -22.18 -9.29
C GLN B 153 -45.81 -23.31 -9.98
N TRP B 154 -45.21 -24.50 -10.03
CA TRP B 154 -45.91 -25.68 -10.53
C TRP B 154 -46.72 -26.33 -9.42
N LYS B 155 -47.94 -26.76 -9.75
CA LYS B 155 -48.78 -27.46 -8.80
C LYS B 155 -49.38 -28.70 -9.47
N VAL B 156 -49.31 -29.84 -8.78
CA VAL B 156 -49.85 -31.08 -9.31
C VAL B 156 -50.86 -31.65 -8.31
N ASP B 157 -52.13 -31.69 -8.72
CA ASP B 157 -53.23 -32.02 -7.81
C ASP B 157 -53.14 -31.19 -6.52
N ASN B 158 -52.90 -29.88 -6.69
CA ASN B 158 -52.76 -28.90 -5.61
C ASN B 158 -51.45 -29.00 -4.82
N ALA B 159 -50.65 -30.04 -5.08
CA ALA B 159 -49.35 -30.17 -4.42
C ALA B 159 -48.29 -29.29 -5.07
N LEU B 160 -47.69 -28.41 -4.28
CA LEU B 160 -46.62 -27.53 -4.78
C LEU B 160 -45.36 -28.33 -5.10
N GLN B 161 -44.84 -28.15 -6.31
CA GLN B 161 -43.65 -28.85 -6.74
C GLN B 161 -42.37 -28.09 -6.41
N SER B 162 -41.30 -28.83 -6.19
CA SER B 162 -39.98 -28.23 -6.04
C SER B 162 -38.90 -29.24 -6.42
N GLY B 163 -37.86 -28.76 -7.11
CA GLY B 163 -36.73 -29.59 -7.45
C GLY B 163 -36.87 -30.40 -8.72
N ASN B 164 -38.05 -30.36 -9.34
CA ASN B 164 -38.25 -31.09 -10.58
C ASN B 164 -38.59 -30.20 -11.77
N SER B 165 -38.20 -28.92 -11.69
CA SER B 165 -38.40 -28.00 -12.79
C SER B 165 -37.15 -27.17 -13.08
N GLN B 166 -37.03 -26.69 -14.31
CA GLN B 166 -35.92 -25.81 -14.69
C GLN B 166 -36.43 -24.65 -15.54
N GLU B 167 -35.88 -23.47 -15.30
CA GLU B 167 -36.30 -22.27 -16.01
C GLU B 167 -35.24 -21.77 -16.96
N SER B 168 -35.68 -21.09 -18.02
CA SER B 168 -34.77 -20.44 -18.96
C SER B 168 -35.34 -19.07 -19.33
N VAL B 169 -34.50 -18.03 -19.30
CA VAL B 169 -34.96 -16.67 -19.60
C VAL B 169 -34.18 -16.06 -20.75
N THR B 170 -34.88 -15.41 -21.68
CA THR B 170 -34.20 -14.73 -22.78
C THR B 170 -33.54 -13.45 -22.31
N GLU B 171 -32.65 -12.90 -23.14
CA GLU B 171 -32.13 -11.57 -22.90
C GLU B 171 -33.18 -10.55 -23.26
N GLN B 172 -32.97 -9.30 -22.88
CA GLN B 172 -33.85 -8.22 -23.29
C GLN B 172 -33.99 -8.19 -24.78
N ASP B 173 -35.23 -8.23 -25.23
CA ASP B 173 -35.51 -8.20 -26.64
C ASP B 173 -35.10 -6.86 -27.28
N SER B 174 -34.56 -6.91 -28.49
CA SER B 174 -34.00 -5.72 -29.12
C SER B 174 -35.03 -4.66 -29.51
N LYS B 175 -36.27 -5.08 -29.74
CA LYS B 175 -37.29 -4.11 -30.14
C LYS B 175 -38.14 -3.56 -28.96
N ASP B 176 -38.69 -4.43 -28.11
CA ASP B 176 -39.57 -3.94 -27.04
C ASP B 176 -38.96 -4.04 -25.64
N SER B 177 -37.74 -4.56 -25.54
CA SER B 177 -36.99 -4.59 -24.29
C SER B 177 -37.63 -5.46 -23.20
N THR B 178 -38.46 -6.41 -23.62
CA THR B 178 -39.11 -7.31 -22.67
C THR B 178 -38.34 -8.62 -22.53
N TYR B 179 -38.74 -9.43 -21.56
CA TYR B 179 -38.18 -10.76 -21.38
C TYR B 179 -39.23 -11.82 -21.67
N SER B 180 -38.77 -13.02 -21.95
CA SER B 180 -39.65 -14.18 -22.02
C SER B 180 -39.00 -15.28 -21.20
N LEU B 181 -39.83 -16.17 -20.65
CA LEU B 181 -39.35 -17.21 -19.77
C LEU B 181 -40.06 -18.52 -20.05
N SER B 182 -39.32 -19.61 -19.98
CA SER B 182 -39.91 -20.93 -20.07
C SER B 182 -39.60 -21.72 -18.81
N SER B 183 -40.60 -22.42 -18.29
CA SER B 183 -40.39 -23.33 -17.17
C SER B 183 -40.83 -24.73 -17.57
N THR B 184 -39.97 -25.70 -17.31
CA THR B 184 -40.25 -27.07 -17.70
C THR B 184 -40.29 -27.99 -16.50
N LEU B 185 -41.45 -28.62 -16.29
CA LEU B 185 -41.61 -29.62 -15.27
C LEU B 185 -41.40 -31.01 -15.90
N THR B 186 -40.48 -31.79 -15.35
CA THR B 186 -40.20 -33.09 -15.95
C THR B 186 -40.46 -34.25 -14.99
N LEU B 187 -41.29 -35.18 -15.43
CA LEU B 187 -41.64 -36.35 -14.64
C LEU B 187 -41.49 -37.62 -15.47
N SER B 188 -41.44 -38.77 -14.80
CA SER B 188 -41.55 -40.05 -15.48
C SER B 188 -42.98 -40.17 -16.00
N LYS B 189 -43.18 -40.97 -17.05
CA LYS B 189 -44.53 -41.18 -17.56
C LYS B 189 -45.42 -41.75 -16.46
N ALA B 190 -44.87 -42.70 -15.70
CA ALA B 190 -45.60 -43.34 -14.62
C ALA B 190 -46.11 -42.33 -13.60
N ASP B 191 -45.24 -41.41 -13.18
CA ASP B 191 -45.62 -40.38 -12.21
C ASP B 191 -46.62 -39.41 -12.81
N TYR B 192 -46.43 -39.07 -14.08
CA TYR B 192 -47.32 -38.15 -14.77
C TYR B 192 -48.75 -38.69 -14.82
N GLU B 193 -48.88 -40.00 -15.00
CA GLU B 193 -50.19 -40.63 -15.11
C GLU B 193 -50.79 -40.94 -13.73
N LYS B 194 -50.06 -40.61 -12.67
CA LYS B 194 -50.56 -40.77 -11.31
C LYS B 194 -51.52 -39.64 -10.92
N HIS B 195 -51.47 -38.54 -11.67
CA HIS B 195 -52.19 -37.34 -11.27
C HIS B 195 -53.07 -36.76 -12.37
N LYS B 196 -54.03 -35.92 -11.97
CA LYS B 196 -55.04 -35.40 -12.88
C LYS B 196 -54.75 -33.98 -13.36
N VAL B 197 -54.54 -33.08 -12.40
CA VAL B 197 -54.52 -31.65 -12.72
C VAL B 197 -53.11 -31.05 -12.60
N TYR B 198 -52.66 -30.46 -13.70
CA TYR B 198 -51.36 -29.82 -13.76
C TYR B 198 -51.55 -28.32 -13.95
N ALA B 199 -50.87 -27.53 -13.13
CA ALA B 199 -51.05 -26.09 -13.16
C ALA B 199 -49.74 -25.35 -12.93
N CYS B 200 -49.56 -24.24 -13.64
CA CYS B 200 -48.49 -23.31 -13.29
C CYS B 200 -49.12 -21.95 -12.96
N GLU B 201 -48.75 -21.41 -11.81
CA GLU B 201 -49.25 -20.11 -11.39
C GLU B 201 -48.14 -19.06 -11.50
N VAL B 202 -48.47 -17.94 -12.12
CA VAL B 202 -47.47 -16.92 -12.41
C VAL B 202 -47.75 -15.64 -11.61
N THR B 203 -46.76 -15.20 -10.85
CA THR B 203 -46.86 -13.95 -10.13
C THR B 203 -45.90 -12.93 -10.73
N HIS B 204 -46.44 -11.76 -11.08
CA HIS B 204 -45.64 -10.72 -11.72
C HIS B 204 -46.25 -9.35 -11.45
N GLN B 205 -45.38 -8.34 -11.37
CA GLN B 205 -45.78 -6.96 -11.08
C GLN B 205 -46.84 -6.43 -12.04
N GLY B 206 -46.80 -6.89 -13.29
CA GLY B 206 -47.74 -6.44 -14.31
C GLY B 206 -49.14 -7.01 -14.16
N LEU B 207 -49.29 -7.99 -13.26
CA LEU B 207 -50.58 -8.63 -13.04
C LEU B 207 -51.19 -8.22 -11.69
N SER B 208 -52.49 -7.92 -11.70
CA SER B 208 -53.18 -7.49 -10.47
C SER B 208 -53.23 -8.63 -9.46
N SER B 209 -53.39 -9.85 -9.96
CA SER B 209 -53.32 -11.04 -9.12
C SER B 209 -52.65 -12.15 -9.94
N PRO B 210 -52.11 -13.18 -9.26
CA PRO B 210 -51.42 -14.23 -10.02
C PRO B 210 -52.34 -14.93 -11.01
N VAL B 211 -51.79 -15.30 -12.17
CA VAL B 211 -52.57 -16.00 -13.18
C VAL B 211 -52.18 -17.49 -13.18
N THR B 212 -53.18 -18.35 -13.32
CA THR B 212 -52.96 -19.77 -13.37
C THR B 212 -53.39 -20.33 -14.73
N LYS B 213 -52.55 -21.17 -15.32
CA LYS B 213 -52.95 -21.97 -16.47
C LYS B 213 -52.89 -23.43 -16.08
N SER B 214 -53.93 -24.19 -16.40
CA SER B 214 -53.97 -25.60 -16.01
C SER B 214 -54.66 -26.49 -17.03
N PHE B 215 -54.41 -27.79 -16.94
CA PHE B 215 -55.16 -28.76 -17.72
C PHE B 215 -55.42 -30.01 -16.90
N ASN B 216 -56.43 -30.76 -17.35
CA ASN B 216 -56.81 -32.02 -16.74
C ASN B 216 -56.32 -33.17 -17.61
N ARG B 217 -55.38 -33.97 -17.10
CA ARG B 217 -54.78 -35.04 -17.88
C ARG B 217 -55.83 -36.07 -18.34
N GLY B 218 -55.57 -36.69 -19.48
CA GLY B 218 -56.50 -37.66 -20.03
C GLY B 218 -57.58 -36.99 -20.85
N GLU B 219 -57.49 -35.67 -20.97
CA GLU B 219 -58.47 -34.90 -21.72
C GLU B 219 -57.85 -34.08 -22.83
N CYS B 220 -58.55 -33.04 -23.24
CA CYS B 220 -58.02 -32.24 -24.33
C CYS B 220 -57.19 -31.09 -23.81
N HIS B 225 -65.36 -32.56 -27.38
CA HIS B 225 -64.88 -33.57 -26.42
C HIS B 225 -65.84 -34.77 -26.44
N HIS B 226 -65.58 -35.76 -25.60
CA HIS B 226 -66.16 -37.08 -25.76
C HIS B 226 -67.15 -37.49 -24.63
N HIS B 227 -67.86 -38.62 -24.75
CA HIS B 227 -68.57 -39.17 -23.61
C HIS B 227 -67.76 -40.37 -23.25
N HIS B 228 -67.83 -41.20 -24.28
CA HIS B 228 -67.17 -42.46 -24.46
C HIS B 228 -65.87 -42.20 -25.17
N HIS B 229 -64.79 -42.69 -24.57
CA HIS B 229 -63.45 -42.35 -24.97
C HIS B 229 -62.81 -43.64 -25.47
N HIS B 230 -61.77 -43.56 -26.29
CA HIS B 230 -61.14 -42.31 -26.71
C HIS B 230 -61.69 -41.79 -28.03
N GLN C 1 -2.23 13.94 32.62
CA GLN C 1 -1.73 13.17 33.74
C GLN C 1 -1.02 11.90 33.27
N VAL C 2 -1.03 11.68 31.96
CA VAL C 2 -0.31 10.55 31.37
C VAL C 2 1.20 10.80 31.45
N GLN C 3 1.92 9.89 32.10
CA GLN C 3 3.36 10.02 32.25
C GLN C 3 4.06 8.67 32.09
N LEU C 4 5.22 8.69 31.42
CA LEU C 4 6.08 7.53 31.34
C LEU C 4 7.40 7.83 32.03
N GLN C 5 7.72 7.08 33.08
CA GLN C 5 8.94 7.30 33.84
C GLN C 5 9.92 6.16 33.63
N GLN C 6 11.12 6.48 33.14
CA GLN C 6 12.11 5.45 32.86
C GLN C 6 13.14 5.32 33.97
N SER C 7 13.83 4.19 33.99
CA SER C 7 14.91 3.97 34.95
C SER C 7 16.10 4.84 34.58
N GLY C 8 17.01 5.02 35.53
CA GLY C 8 18.13 5.92 35.33
C GLY C 8 19.23 5.37 34.42
N PRO C 9 20.23 6.20 34.13
CA PRO C 9 21.34 5.88 33.23
C PRO C 9 22.16 4.68 33.70
N GLU C 10 22.70 3.92 32.75
CA GLU C 10 23.49 2.75 33.08
C GLU C 10 24.81 2.73 32.31
N ASP C 11 25.89 2.35 32.98
CA ASP C 11 27.12 2.03 32.30
C ASP C 11 27.44 0.56 32.48
N VAL C 12 27.72 -0.12 31.38
CA VAL C 12 28.06 -1.54 31.42
C VAL C 12 29.25 -1.83 30.53
N LYS C 13 29.85 -2.99 30.73
CA LYS C 13 30.99 -3.41 29.91
C LYS C 13 30.49 -4.23 28.74
N PRO C 14 31.24 -4.24 27.63
CA PRO C 14 30.83 -5.02 26.45
C PRO C 14 30.67 -6.51 26.75
N GLY C 15 29.67 -7.13 26.15
CA GLY C 15 29.39 -8.54 26.38
C GLY C 15 28.32 -8.72 27.44
N ALA C 16 28.13 -7.71 28.28
CA ALA C 16 27.15 -7.78 29.35
C ALA C 16 25.74 -7.51 28.84
N SER C 17 24.78 -7.50 29.75
CA SER C 17 23.40 -7.22 29.41
C SER C 17 22.84 -6.12 30.30
N VAL C 18 21.84 -5.40 29.79
CA VAL C 18 21.20 -4.33 30.54
C VAL C 18 19.69 -4.53 30.54
N LYS C 19 19.03 -4.05 31.59
CA LYS C 19 17.58 -4.15 31.68
C LYS C 19 17.00 -2.83 32.18
N ILE C 20 16.37 -2.09 31.28
CA ILE C 20 15.80 -0.79 31.62
C ILE C 20 14.28 -0.89 31.73
N SER C 21 13.69 0.05 32.45
CA SER C 21 12.25 -0.01 32.72
C SER C 21 11.54 1.28 32.35
N CYS C 22 10.23 1.17 32.15
CA CYS C 22 9.37 2.30 31.83
C CYS C 22 8.06 2.15 32.58
N LYS C 23 7.82 3.02 33.56
CA LYS C 23 6.60 2.95 34.36
C LYS C 23 5.53 3.89 33.83
N ALA C 24 4.37 3.35 33.52
CA ALA C 24 3.28 4.13 32.96
C ALA C 24 2.32 4.60 34.04
N SER C 25 1.89 5.86 33.95
N SER C 25 1.88 5.85 33.94
CA SER C 25 0.92 6.40 34.89
CA SER C 25 0.94 6.42 34.90
C SER C 25 -0.12 7.22 34.15
C SER C 25 -0.10 7.28 34.19
N GLY C 26 -1.29 7.38 34.77
CA GLY C 26 -2.35 8.19 34.20
C GLY C 26 -3.28 7.45 33.24
N TYR C 27 -2.97 6.18 32.99
CA TYR C 27 -3.79 5.35 32.11
C TYR C 27 -3.44 3.88 32.32
N SER C 28 -4.28 2.99 31.77
CA SER C 28 -4.03 1.56 31.91
C SER C 28 -3.35 0.97 30.68
N LEU C 29 -2.28 0.23 30.91
CA LEU C 29 -1.55 -0.45 29.85
C LEU C 29 -2.43 -1.45 29.09
N SER C 30 -3.45 -1.98 29.76
CA SER C 30 -4.27 -3.04 29.19
C SER C 30 -5.43 -2.51 28.35
N THR C 31 -5.56 -1.19 28.25
CA THR C 31 -6.60 -0.58 27.44
C THR C 31 -6.39 -0.91 25.96
N SER C 32 -7.46 -1.28 25.27
CA SER C 32 -7.38 -1.71 23.87
C SER C 32 -6.77 -0.64 22.98
N GLY C 33 -5.85 -1.06 22.11
CA GLY C 33 -5.17 -0.15 21.21
C GLY C 33 -3.85 0.37 21.76
N MET C 34 -3.72 0.40 23.08
CA MET C 34 -2.52 0.90 23.73
C MET C 34 -1.33 -0.03 23.56
N GLY C 35 -0.14 0.55 23.47
CA GLY C 35 1.08 -0.23 23.39
C GLY C 35 2.27 0.62 23.82
N VAL C 36 3.42 -0.01 23.96
CA VAL C 36 4.64 0.71 24.31
C VAL C 36 5.74 0.42 23.29
N ASN C 37 6.17 1.45 22.57
CA ASN C 37 7.31 1.35 21.66
C ASN C 37 8.61 1.63 22.40
N TRP C 38 9.67 0.91 22.03
CA TRP C 38 11.00 1.27 22.48
C TRP C 38 11.81 1.81 21.30
N VAL C 39 12.42 2.98 21.49
CA VAL C 39 13.13 3.67 20.44
C VAL C 39 14.50 4.11 20.97
N LYS C 40 15.54 3.99 20.14
CA LYS C 40 16.86 4.45 20.58
C LYS C 40 17.37 5.59 19.71
N GLN C 41 18.12 6.50 20.33
CA GLN C 41 18.63 7.68 19.65
C GLN C 41 20.12 7.91 19.91
N SER C 42 20.86 8.20 18.86
CA SER C 42 22.26 8.57 18.98
C SER C 42 22.59 9.67 17.98
N PRO C 43 23.42 10.63 18.38
CA PRO C 43 23.87 11.70 17.46
C PRO C 43 24.57 11.09 16.26
N GLY C 44 24.15 11.50 15.06
CA GLY C 44 24.73 10.96 13.83
C GLY C 44 24.20 9.59 13.50
N LYS C 45 23.18 9.16 14.25
CA LYS C 45 22.52 7.89 13.99
C LYS C 45 21.00 8.05 14.00
N GLY C 46 20.54 9.23 14.41
CA GLY C 46 19.12 9.53 14.45
C GLY C 46 18.32 8.66 15.39
N LEU C 47 17.06 8.43 15.05
CA LEU C 47 16.16 7.57 15.83
C LEU C 47 15.97 6.22 15.16
N GLU C 48 15.89 5.16 15.96
CA GLU C 48 15.58 3.83 15.43
C GLU C 48 14.60 3.08 16.32
N TRP C 49 13.59 2.47 15.69
CA TRP C 49 12.60 1.67 16.40
C TRP C 49 13.18 0.31 16.81
N LEU C 50 12.97 -0.08 18.06
CA LEU C 50 13.55 -1.32 18.58
C LEU C 50 12.52 -2.42 18.78
N ALA C 51 11.44 -2.10 19.49
CA ALA C 51 10.47 -3.11 19.89
C ALA C 51 9.14 -2.50 20.30
N HIS C 52 8.13 -3.36 20.38
CA HIS C 52 6.79 -2.95 20.78
C HIS C 52 6.11 -4.06 21.55
N ILE C 53 5.39 -3.68 22.60
CA ILE C 53 4.53 -4.63 23.29
C ILE C 53 3.11 -4.05 23.33
N TYR C 54 2.15 -4.83 22.87
CA TYR C 54 0.78 -4.37 22.71
C TYR C 54 0.02 -4.58 24.01
N TRP C 55 -1.21 -4.08 24.09
CA TRP C 55 -2.02 -4.20 25.30
C TRP C 55 -2.32 -5.65 25.65
N ASP C 56 -2.33 -6.52 24.64
CA ASP C 56 -2.64 -7.93 24.85
C ASP C 56 -1.38 -8.75 25.02
N ASP C 57 -0.27 -8.07 25.28
CA ASP C 57 1.04 -8.66 25.56
C ASP C 57 1.72 -9.29 24.36
N ASP C 58 1.26 -8.97 23.15
CA ASP C 58 1.96 -9.41 21.94
C ASP C 58 3.21 -8.56 21.75
N LYS C 59 4.31 -9.19 21.34
CA LYS C 59 5.59 -8.50 21.28
C LYS C 59 6.22 -8.56 19.89
N ARG C 60 6.76 -7.43 19.44
CA ARG C 60 7.46 -7.35 18.16
C ARG C 60 8.85 -6.79 18.36
N TYR C 61 9.82 -7.31 17.59
CA TYR C 61 11.19 -6.84 17.70
C TYR C 61 11.76 -6.47 16.34
N ASN C 62 12.68 -5.51 16.33
CA ASN C 62 13.43 -5.20 15.12
C ASN C 62 14.46 -6.30 14.88
N PRO C 63 14.41 -6.93 13.69
CA PRO C 63 15.35 -8.00 13.34
C PRO C 63 16.82 -7.54 13.39
N SER C 64 17.05 -6.24 13.38
CA SER C 64 18.42 -5.70 13.46
C SER C 64 19.02 -5.96 14.84
N LEU C 65 18.15 -6.14 15.84
CA LEU C 65 18.59 -6.50 17.18
C LEU C 65 19.02 -7.95 17.24
N LYS C 66 18.81 -8.66 16.13
CA LYS C 66 18.82 -10.12 16.12
C LYS C 66 17.80 -10.58 17.14
N SER C 67 18.22 -11.38 18.11
CA SER C 67 17.31 -11.82 19.16
C SER C 67 17.90 -11.52 20.53
N ARG C 68 18.54 -10.36 20.65
CA ARG C 68 19.18 -9.97 21.90
C ARG C 68 18.22 -9.22 22.82
N ALA C 69 17.09 -8.78 22.27
CA ALA C 69 16.12 -8.00 23.05
C ALA C 69 14.98 -8.88 23.55
N THR C 70 14.51 -8.56 24.76
CA THR C 70 13.37 -9.26 25.35
C THR C 70 12.51 -8.28 26.13
N LEU C 71 11.23 -8.23 25.77
CA LEU C 71 10.26 -7.39 26.47
C LEU C 71 9.49 -8.19 27.51
N THR C 72 9.36 -7.62 28.71
CA THR C 72 8.51 -8.19 29.74
C THR C 72 7.71 -7.07 30.38
N VAL C 73 6.61 -7.43 31.05
CA VAL C 73 5.75 -6.43 31.64
C VAL C 73 5.33 -6.83 33.06
N ASP C 74 5.28 -5.84 33.95
CA ASP C 74 4.75 -6.04 35.28
C ASP C 74 3.43 -5.30 35.38
N LYS C 75 2.33 -6.00 35.11
CA LYS C 75 1.00 -5.41 35.12
C LYS C 75 0.64 -4.80 36.47
N SER C 76 1.22 -5.35 37.53
CA SER C 76 0.94 -4.88 38.88
C SER C 76 1.49 -3.47 39.13
N SER C 77 2.60 -3.15 38.51
CA SER C 77 3.25 -1.87 38.73
C SER C 77 3.17 -0.96 37.51
N SER C 78 2.41 -1.40 36.50
CA SER C 78 2.27 -0.67 35.24
C SER C 78 3.63 -0.36 34.64
N THR C 79 4.51 -1.37 34.60
CA THR C 79 5.89 -1.18 34.18
C THR C 79 6.28 -2.16 33.07
N VAL C 80 6.86 -1.63 31.99
CA VAL C 80 7.36 -2.45 30.90
C VAL C 80 8.88 -2.51 30.96
N TYR C 81 9.44 -3.70 30.75
CA TYR C 81 10.88 -3.88 30.82
C TYR C 81 11.48 -4.24 29.48
N LEU C 82 12.64 -3.66 29.18
CA LEU C 82 13.39 -4.01 27.98
C LEU C 82 14.77 -4.53 28.37
N GLU C 83 15.02 -5.80 28.09
CA GLU C 83 16.33 -6.38 28.35
C GLU C 83 17.11 -6.54 27.06
N LEU C 84 18.33 -6.01 27.04
CA LEU C 84 19.19 -6.14 25.86
C LEU C 84 20.46 -6.87 26.26
N ARG C 85 20.76 -7.96 25.55
CA ARG C 85 21.88 -8.83 25.90
CA ARG C 85 21.89 -8.81 25.92
C ARG C 85 23.06 -8.68 24.94
N SER C 86 24.23 -9.14 25.38
CA SER C 86 25.46 -9.12 24.58
C SER C 86 25.72 -7.75 23.97
N LEU C 87 25.85 -6.74 24.82
CA LEU C 87 26.03 -5.37 24.37
C LEU C 87 27.42 -5.10 23.80
N THR C 88 27.48 -4.24 22.80
CA THR C 88 28.74 -3.74 22.27
C THR C 88 28.71 -2.22 22.34
N SER C 89 29.79 -1.58 21.90
CA SER C 89 29.84 -0.12 21.91
C SER C 89 28.78 0.46 20.96
N GLU C 90 28.38 -0.32 19.98
CA GLU C 90 27.38 0.12 19.01
C GLU C 90 25.99 0.22 19.63
N ASP C 91 25.84 -0.35 20.83
CA ASP C 91 24.56 -0.28 21.55
C ASP C 91 24.51 0.93 22.48
N SER C 92 25.60 1.69 22.55
CA SER C 92 25.64 2.92 23.34
C SER C 92 24.70 3.95 22.73
N SER C 93 23.70 4.37 23.51
CA SER C 93 22.64 5.23 22.99
C SER C 93 21.73 5.74 24.09
N VAL C 94 20.80 6.61 23.72
CA VAL C 94 19.70 6.98 24.62
C VAL C 94 18.47 6.18 24.21
N TYR C 95 17.91 5.44 25.15
CA TYR C 95 16.76 4.59 24.89
C TYR C 95 15.48 5.22 25.42
N TYR C 96 14.48 5.30 24.56
CA TYR C 96 13.19 5.87 24.94
C TYR C 96 12.10 4.81 24.89
N CYS C 97 11.20 4.87 25.86
CA CYS C 97 9.92 4.19 25.72
C CYS C 97 8.90 5.26 25.33
N ALA C 98 7.89 4.86 24.57
CA ALA C 98 6.86 5.79 24.15
C ALA C 98 5.52 5.06 24.02
N ARG C 99 4.44 5.74 24.39
CA ARG C 99 3.12 5.13 24.29
C ARG C 99 2.60 5.18 22.86
N ARG C 100 2.36 4.01 22.29
CA ARG C 100 1.67 3.92 21.01
C ARG C 100 0.18 4.13 21.31
N GLY C 101 -0.28 5.37 21.16
CA GLY C 101 -1.49 5.83 21.81
C GLY C 101 -2.85 5.52 21.22
N GLY C 102 -3.06 4.29 20.77
CA GLY C 102 -4.38 3.85 20.35
C GLY C 102 -4.89 4.44 19.05
N SER C 103 -6.09 4.01 18.66
CA SER C 103 -6.67 4.34 17.36
C SER C 103 -7.00 5.81 17.18
N SER C 104 -7.31 6.49 18.29
CA SER C 104 -7.76 7.89 18.21
C SER C 104 -6.70 8.80 17.61
N HIS C 105 -5.43 8.47 17.83
CA HIS C 105 -4.33 9.23 17.26
C HIS C 105 -3.59 8.40 16.22
N TYR C 106 -4.28 7.41 15.67
CA TYR C 106 -3.74 6.50 14.66
C TYR C 106 -2.41 5.92 15.08
N TYR C 107 -2.37 5.50 16.35
CA TYR C 107 -1.25 4.78 16.94
C TYR C 107 0.07 5.55 16.90
N ALA C 108 -0.03 6.88 16.90
CA ALA C 108 1.15 7.73 17.02
C ALA C 108 1.70 7.66 18.44
N MET C 109 2.98 7.96 18.58
CA MET C 109 3.60 8.01 19.91
C MET C 109 3.36 9.36 20.56
N ASP C 110 2.30 9.43 21.38
CA ASP C 110 1.83 10.71 21.91
C ASP C 110 2.53 11.13 23.21
N TYR C 111 2.95 10.15 24.01
CA TYR C 111 3.67 10.43 25.24
C TYR C 111 4.96 9.64 25.30
N TRP C 112 6.05 10.32 25.66
CA TRP C 112 7.38 9.71 25.68
C TRP C 112 7.98 9.74 27.09
N GLY C 113 8.85 8.78 27.37
CA GLY C 113 9.64 8.80 28.58
C GLY C 113 10.76 9.80 28.44
N GLN C 114 11.50 10.05 29.52
CA GLN C 114 12.57 11.04 29.51
C GLN C 114 13.87 10.48 28.93
N GLY C 115 13.89 9.19 28.64
CA GLY C 115 15.06 8.56 28.05
C GLY C 115 16.01 7.94 29.06
N THR C 116 16.72 6.90 28.63
CA THR C 116 17.70 6.24 29.47
C THR C 116 19.03 6.12 28.73
N THR C 117 20.04 6.83 29.20
CA THR C 117 21.36 6.77 28.57
C THR C 117 22.06 5.46 28.94
N VAL C 118 22.36 4.66 27.92
CA VAL C 118 23.12 3.45 28.13
C VAL C 118 24.50 3.60 27.51
N THR C 119 25.52 3.53 28.35
CA THR C 119 26.90 3.65 27.88
C THR C 119 27.61 2.32 28.03
N VAL C 120 28.11 1.80 26.91
CA VAL C 120 28.81 0.52 26.90
C VAL C 120 30.28 0.72 26.59
N SER C 121 31.13 0.48 27.58
CA SER C 121 32.56 0.75 27.42
C SER C 121 33.44 -0.19 28.24
N SER C 122 34.66 -0.42 27.75
CA SER C 122 35.66 -1.20 28.48
C SER C 122 36.49 -0.28 29.35
N ALA C 123 36.28 1.02 29.19
CA ALA C 123 37.07 2.02 29.91
C ALA C 123 36.90 1.89 31.41
N SER C 124 37.98 2.18 32.14
CA SER C 124 37.91 2.23 33.60
C SER C 124 37.75 3.68 34.03
N PHE C 125 37.24 3.89 35.24
CA PHE C 125 37.03 5.22 35.77
C PHE C 125 38.34 6.00 35.87
N LYS C 126 38.31 7.25 35.40
CA LYS C 126 39.48 8.11 35.46
C LYS C 126 39.07 9.57 35.56
N GLY C 127 39.72 10.29 36.46
CA GLY C 127 39.49 11.72 36.61
C GLY C 127 40.31 12.49 35.59
N PRO C 128 39.81 13.67 35.18
CA PRO C 128 40.46 14.45 34.13
C PRO C 128 41.69 15.20 34.60
N SER C 129 42.65 15.38 33.70
CA SER C 129 43.72 16.34 33.90
C SER C 129 43.20 17.67 33.40
N VAL C 130 43.46 18.74 34.14
CA VAL C 130 42.99 20.05 33.73
C VAL C 130 44.18 20.96 33.41
N PHE C 131 44.26 21.39 32.17
CA PHE C 131 45.39 22.19 31.71
C PHE C 131 44.92 23.58 31.28
N PRO C 132 45.75 24.59 31.55
CA PRO C 132 45.39 25.97 31.18
C PRO C 132 45.56 26.24 29.68
N LEU C 133 44.62 26.99 29.11
CA LEU C 133 44.78 27.55 27.77
C LEU C 133 45.00 29.05 27.96
N ALA C 134 46.26 29.44 28.03
CA ALA C 134 46.62 30.78 28.50
C ALA C 134 46.48 31.85 27.43
N PRO C 135 45.88 33.00 27.79
CA PRO C 135 45.71 34.14 26.90
C PRO C 135 46.94 35.03 26.84
N SER C 136 46.95 35.93 25.87
CA SER C 136 47.98 36.97 25.79
C SER C 136 47.38 38.26 25.30
N SER C 137 47.94 39.38 25.76
CA SER C 137 47.49 40.70 25.33
C SER C 137 47.90 40.96 23.88
N LYS C 138 48.84 40.16 23.38
CA LYS C 138 49.35 40.31 22.03
C LYS C 138 48.69 39.35 21.04
N SER C 139 47.86 38.44 21.55
CA SER C 139 47.19 37.46 20.71
C SER C 139 45.73 37.83 20.45
N THR C 140 45.47 39.12 20.35
CA THR C 140 44.12 39.65 20.12
C THR C 140 43.56 39.25 18.76
N SER C 141 42.29 38.86 18.75
CA SER C 141 41.57 38.60 17.50
C SER C 141 40.14 39.11 17.61
N GLY C 142 39.77 40.02 16.70
CA GLY C 142 38.44 40.58 16.70
C GLY C 142 38.13 41.40 17.95
N GLY C 143 39.14 42.10 18.45
CA GLY C 143 38.98 42.95 19.62
C GLY C 143 38.81 42.20 20.93
N THR C 144 39.05 40.90 20.91
CA THR C 144 38.91 40.09 22.13
C THR C 144 40.11 39.20 22.38
N ALA C 145 40.27 38.81 23.64
CA ALA C 145 41.23 37.79 24.03
C ALA C 145 40.48 36.53 24.40
N ALA C 146 41.13 35.38 24.28
CA ALA C 146 40.50 34.12 24.63
C ALA C 146 41.38 33.36 25.61
N LEU C 147 40.74 32.72 26.58
CA LEU C 147 41.42 31.85 27.52
C LEU C 147 40.54 30.65 27.80
N GLY C 148 41.09 29.64 28.44
CA GLY C 148 40.28 28.49 28.79
C GLY C 148 41.01 27.38 29.51
N CYS C 149 40.30 26.27 29.69
N CYS C 149 40.32 26.26 29.69
CA CYS C 149 40.89 25.09 30.31
CA CYS C 149 40.92 25.10 30.34
C CYS C 149 40.65 23.88 29.42
C CYS C 149 40.61 23.82 29.57
N LEU C 150 41.66 23.03 29.32
CA LEU C 150 41.53 21.77 28.62
C LEU C 150 41.30 20.67 29.65
N VAL C 151 40.13 20.03 29.56
CA VAL C 151 39.75 18.97 30.49
C VAL C 151 39.90 17.63 29.78
N LYS C 152 41.02 16.96 30.03
CA LYS C 152 41.43 15.85 29.18
C LYS C 152 41.40 14.48 29.84
N ASP C 153 40.95 13.49 29.08
CA ASP C 153 41.07 12.08 29.43
C ASP C 153 40.33 11.70 30.71
N TYR C 154 39.01 11.71 30.65
CA TYR C 154 38.21 11.28 31.79
C TYR C 154 37.15 10.28 31.39
N PHE C 155 36.67 9.52 32.38
CA PHE C 155 35.60 8.56 32.17
C PHE C 155 34.97 8.22 33.52
N PRO C 156 33.64 8.17 33.57
CA PRO C 156 32.74 8.42 32.44
C PRO C 156 32.24 9.86 32.43
N GLU C 157 31.28 10.14 31.55
CA GLU C 157 30.53 11.38 31.60
C GLU C 157 29.71 11.43 32.89
N PRO C 158 29.36 12.63 33.36
CA PRO C 158 29.74 13.93 32.81
C PRO C 158 30.80 14.65 33.65
N VAL C 159 31.25 15.79 33.17
CA VAL C 159 32.09 16.67 33.97
C VAL C 159 31.41 18.03 34.04
N THR C 160 31.57 18.74 35.15
CA THR C 160 31.01 20.08 35.26
C THR C 160 32.13 21.11 35.26
N VAL C 161 31.93 22.18 34.49
CA VAL C 161 32.92 23.25 34.42
C VAL C 161 32.26 24.59 34.70
N SER C 162 32.89 25.38 35.58
CA SER C 162 32.44 26.73 35.85
C SER C 162 33.64 27.65 35.96
N TRP C 163 33.41 28.95 35.83
CA TRP C 163 34.48 29.93 35.94
C TRP C 163 34.24 30.88 37.10
N ASN C 164 35.26 31.06 37.92
CA ASN C 164 35.19 31.87 39.14
C ASN C 164 33.97 31.51 39.98
N SER C 165 33.76 30.21 40.17
CA SER C 165 32.68 29.65 40.99
C SER C 165 31.29 30.04 40.49
N GLY C 166 31.17 30.23 39.18
CA GLY C 166 29.88 30.51 38.58
C GLY C 166 29.56 31.98 38.41
N ALA C 167 30.47 32.83 38.89
CA ALA C 167 30.31 34.28 38.73
C ALA C 167 30.55 34.70 37.29
N LEU C 168 31.48 34.02 36.62
CA LEU C 168 31.83 34.36 35.25
C LEU C 168 31.06 33.48 34.26
N THR C 169 30.07 34.07 33.61
CA THR C 169 29.19 33.33 32.71
C THR C 169 29.13 33.93 31.30
N SER C 170 29.36 35.23 31.21
CA SER C 170 29.33 35.92 29.93
C SER C 170 30.56 35.59 29.08
N GLY C 171 30.33 35.20 27.84
CA GLY C 171 31.42 34.90 26.93
C GLY C 171 32.03 33.52 27.14
N VAL C 172 31.34 32.69 27.90
CA VAL C 172 31.83 31.34 28.19
C VAL C 172 31.23 30.33 27.22
N HIS C 173 32.09 29.49 26.64
CA HIS C 173 31.65 28.35 25.85
C HIS C 173 32.28 27.07 26.39
N THR C 174 31.46 26.14 26.85
CA THR C 174 31.97 24.83 27.21
C THR C 174 31.59 23.84 26.12
N PHE C 175 32.59 23.33 25.42
CA PHE C 175 32.37 22.48 24.26
C PHE C 175 31.88 21.08 24.66
N PRO C 176 31.03 20.48 23.82
CA PRO C 176 30.61 19.08 24.00
C PRO C 176 31.81 18.16 24.13
N ALA C 177 31.70 17.17 25.00
CA ALA C 177 32.77 16.21 25.20
C ALA C 177 32.99 15.37 23.95
N VAL C 178 34.25 15.06 23.67
CA VAL C 178 34.58 14.20 22.55
C VAL C 178 35.13 12.87 23.06
N LEU C 179 34.53 11.78 22.62
CA LEU C 179 35.05 10.45 22.94
C LEU C 179 36.25 10.16 22.05
N GLN C 180 37.44 10.13 22.64
CA GLN C 180 38.66 9.90 21.91
C GLN C 180 38.84 8.43 21.55
N SER C 181 39.81 8.15 20.68
CA SER C 181 40.15 6.79 20.29
C SER C 181 40.51 5.93 21.49
N SER C 182 41.00 6.57 22.53
CA SER C 182 41.43 5.89 23.75
C SER C 182 40.27 5.35 24.58
N GLY C 183 39.05 5.75 24.23
CA GLY C 183 37.88 5.37 25.01
C GLY C 183 37.62 6.34 26.14
N LEU C 184 38.45 7.37 26.22
CA LEU C 184 38.30 8.40 27.24
C LEU C 184 37.78 9.70 26.62
N TYR C 185 37.13 10.52 27.44
CA TYR C 185 36.55 11.77 26.96
C TYR C 185 37.46 12.96 27.18
N SER C 186 37.25 14.00 26.38
N SER C 186 37.27 13.99 26.37
CA SER C 186 38.00 15.25 26.51
CA SER C 186 37.96 15.25 26.54
C SER C 186 37.15 16.42 26.03
C SER C 186 37.05 16.39 26.11
N LEU C 187 37.26 17.55 26.71
CA LEU C 187 36.54 18.76 26.30
C LEU C 187 37.32 20.00 26.66
N SER C 188 36.89 21.12 26.12
CA SER C 188 37.48 22.41 26.49
C SER C 188 36.39 23.39 26.89
N SER C 189 36.72 24.26 27.82
CA SER C 189 35.85 25.39 28.14
C SER C 189 36.65 26.65 27.93
N VAL C 190 36.07 27.61 27.22
CA VAL C 190 36.79 28.84 26.91
C VAL C 190 35.99 30.07 27.29
N VAL C 191 36.72 31.13 27.60
CA VAL C 191 36.12 32.42 27.89
C VAL C 191 36.72 33.46 26.96
N THR C 192 35.87 34.30 26.38
CA THR C 192 36.38 35.42 25.62
C THR C 192 36.03 36.70 26.34
N VAL C 193 37.01 37.60 26.44
CA VAL C 193 36.80 38.90 27.06
C VAL C 193 37.37 39.98 26.15
N PRO C 194 36.83 41.21 26.24
CA PRO C 194 37.46 42.34 25.55
C PRO C 194 38.94 42.42 25.87
N SER C 195 39.76 42.73 24.87
CA SER C 195 41.21 42.80 25.03
C SER C 195 41.64 43.71 26.18
N SER C 196 40.96 44.84 26.33
CA SER C 196 41.31 45.81 27.37
C SER C 196 40.96 45.32 28.77
N SER C 197 40.12 44.29 28.85
CA SER C 197 39.63 43.79 30.13
C SER C 197 40.39 42.56 30.64
N LEU C 198 41.40 42.15 29.89
CA LEU C 198 42.10 40.89 30.17
C LEU C 198 42.78 40.85 31.54
N GLY C 199 43.54 41.88 31.88
CA GLY C 199 44.31 41.86 33.11
C GLY C 199 43.60 42.39 34.34
N THR C 200 42.28 42.52 34.26
CA THR C 200 41.51 43.16 35.34
C THR C 200 41.11 42.21 36.46
N GLN C 201 41.08 40.92 36.17
CA GLN C 201 40.69 39.93 37.17
C GLN C 201 41.46 38.62 36.99
N THR C 202 41.34 37.74 37.97
CA THR C 202 41.90 36.40 37.87
C THR C 202 40.86 35.44 37.29
N TYR C 203 41.31 34.46 36.53
CA TYR C 203 40.41 33.51 35.91
C TYR C 203 40.67 32.11 36.44
N ILE C 204 39.66 31.52 37.06
CA ILE C 204 39.79 30.18 37.62
C ILE C 204 38.70 29.28 37.06
N CYS C 205 39.10 28.17 36.44
N CYS C 205 39.13 28.15 36.50
CA CYS C 205 38.11 27.21 35.97
CA CYS C 205 38.23 27.13 35.95
C CYS C 205 37.93 26.14 37.04
C CYS C 205 37.95 26.06 37.00
N ASN C 206 36.68 25.91 37.38
CA ASN C 206 36.33 24.93 38.41
C ASN C 206 35.80 23.66 37.75
N VAL C 207 36.58 22.59 37.87
CA VAL C 207 36.23 21.33 37.22
C VAL C 207 35.83 20.29 38.26
N ASN C 208 34.70 19.65 38.05
CA ASN C 208 34.26 18.59 38.96
C ASN C 208 33.87 17.32 38.22
N HIS C 209 34.57 16.24 38.52
CA HIS C 209 34.24 14.93 37.99
C HIS C 209 33.93 13.99 39.15
N LYS C 210 32.71 14.09 39.66
CA LYS C 210 32.26 13.31 40.80
C LYS C 210 32.46 11.78 40.68
N PRO C 211 32.10 11.18 39.52
CA PRO C 211 32.22 9.72 39.42
C PRO C 211 33.60 9.15 39.77
N SER C 212 34.64 9.99 39.69
CA SER C 212 35.99 9.54 40.01
C SER C 212 36.57 10.28 41.20
N ASN C 213 35.74 11.06 41.88
CA ASN C 213 36.16 11.88 43.02
C ASN C 213 37.31 12.80 42.62
N THR C 214 37.10 13.55 41.54
CA THR C 214 38.11 14.49 41.06
C THR C 214 37.55 15.90 40.96
N LYS C 215 38.06 16.79 41.79
CA LYS C 215 37.69 18.20 41.73
C LYS C 215 38.95 19.05 41.65
N VAL C 216 38.98 19.92 40.64
CA VAL C 216 40.17 20.73 40.38
C VAL C 216 39.80 22.19 40.14
N ASP C 217 40.54 23.09 40.78
CA ASP C 217 40.42 24.51 40.49
C ASP C 217 41.73 24.99 39.88
N LYS C 218 41.67 25.47 38.64
CA LYS C 218 42.88 25.81 37.90
C LYS C 218 42.91 27.29 37.54
N LYS C 219 43.96 27.97 37.98
CA LYS C 219 44.16 29.36 37.61
C LYS C 219 44.72 29.44 36.19
N VAL C 220 44.10 30.26 35.34
CA VAL C 220 44.61 30.47 34.00
C VAL C 220 45.24 31.86 33.90
N GLU C 221 46.57 31.91 33.88
CA GLU C 221 47.29 33.17 33.91
C GLU C 221 47.67 33.62 32.50
N PRO C 222 47.57 34.93 32.25
CA PRO C 222 48.04 35.50 30.98
C PRO C 222 49.52 35.19 30.77
N LYS C 223 49.90 34.87 29.53
CA LYS C 223 51.30 34.60 29.22
C LYS C 223 52.13 35.87 29.30
N SER C 224 53.31 35.76 29.89
CA SER C 224 54.26 36.87 29.90
C SER C 224 55.05 36.86 28.60
N CYS C 225 55.08 35.70 27.96
CA CYS C 225 55.78 35.54 26.68
C CYS C 225 54.83 35.08 25.58
N ASP C 226 54.68 35.90 24.55
CA ASP C 226 53.85 35.55 23.41
C ASP C 226 54.55 35.87 22.10
N LYS C 227 54.78 34.85 21.30
CA LYS C 227 55.42 35.04 20.00
C LYS C 227 54.62 34.30 18.92
N THR C 228 53.30 34.36 19.06
CA THR C 228 52.39 33.74 18.09
C THR C 228 52.25 34.63 16.86
N HIS C 229 52.28 34.03 15.67
CA HIS C 229 52.22 34.80 14.43
C HIS C 229 50.88 34.63 13.72
N THR C 230 50.46 35.68 13.01
CA THR C 230 49.23 35.65 12.25
C THR C 230 49.49 36.04 10.80
N GLY C 231 48.88 35.31 9.87
CA GLY C 231 48.97 35.63 8.46
C GLY C 231 47.62 35.45 7.79
N GLY C 232 47.43 36.10 6.64
CA GLY C 232 46.19 36.00 5.90
C GLY C 232 44.99 36.59 6.63
N GLY C 233 43.80 36.15 6.26
CA GLY C 233 42.58 36.62 6.91
C GLY C 233 42.08 37.93 6.34
N GLY C 234 40.96 38.40 6.87
CA GLY C 234 40.35 39.64 6.41
C GLY C 234 38.83 39.58 6.50
N ASP C 235 38.16 40.21 5.53
CA ASP C 235 36.70 40.19 5.45
C ASP C 235 36.23 40.78 4.13
N ASP D 2 12.16 -2.64 6.51
CA ASP D 2 13.13 -2.32 5.49
C ASP D 2 12.63 -1.21 4.55
N ILE D 3 11.60 -0.49 5.00
CA ILE D 3 11.24 0.76 4.36
C ILE D 3 12.32 1.78 4.69
N VAL D 4 12.94 2.34 3.66
CA VAL D 4 13.91 3.42 3.88
C VAL D 4 13.21 4.77 3.72
N MET D 5 13.31 5.58 4.77
CA MET D 5 12.75 6.93 4.73
C MET D 5 13.86 7.93 4.42
N THR D 6 13.74 8.59 3.29
CA THR D 6 14.75 9.54 2.85
C THR D 6 14.28 10.96 3.13
N GLN D 7 14.84 11.55 4.18
CA GLN D 7 14.39 12.86 4.66
C GLN D 7 15.40 13.93 4.26
N THR D 8 14.91 15.00 3.62
CA THR D 8 15.79 16.06 3.13
C THR D 8 15.23 17.44 3.45
N PRO D 9 16.11 18.41 3.75
CA PRO D 9 17.56 18.26 3.89
C PRO D 9 17.96 17.83 5.30
N SER D 10 19.23 17.52 5.51
CA SER D 10 19.71 17.08 6.83
C SER D 10 19.83 18.27 7.79
N SER D 11 20.07 19.45 7.22
CA SER D 11 20.07 20.67 8.02
C SER D 11 19.35 21.76 7.23
N LEU D 12 18.60 22.59 7.94
CA LEU D 12 17.79 23.60 7.28
C LEU D 12 17.89 24.94 8.00
N PRO D 13 18.78 25.81 7.50
CA PRO D 13 18.88 27.19 8.01
C PRO D 13 17.67 27.99 7.54
N VAL D 14 16.94 28.60 8.48
CA VAL D 14 15.79 29.42 8.12
C VAL D 14 15.81 30.71 8.92
N SER D 15 15.33 31.78 8.29
CA SER D 15 15.19 33.06 8.98
C SER D 15 13.92 33.04 9.83
N LEU D 16 13.92 33.80 10.91
CA LEU D 16 12.71 34.06 11.67
C LEU D 16 11.60 34.51 10.74
N GLY D 17 10.44 33.88 10.83
CA GLY D 17 9.29 34.31 10.07
C GLY D 17 9.12 33.66 8.70
N ASP D 18 10.16 32.98 8.23
CA ASP D 18 10.07 32.30 6.94
C ASP D 18 9.32 30.98 7.04
N GLN D 19 8.98 30.42 5.89
CA GLN D 19 8.41 29.08 5.85
C GLN D 19 9.52 28.08 5.62
N ALA D 20 9.44 26.95 6.33
CA ALA D 20 10.37 25.86 6.14
C ALA D 20 9.61 24.66 5.60
N SER D 21 10.20 23.97 4.62
CA SER D 21 9.63 22.75 4.08
C SER D 21 10.60 21.60 4.23
N ILE D 22 10.15 20.53 4.86
CA ILE D 22 10.96 19.34 5.04
C ILE D 22 10.33 18.19 4.29
N SER D 23 11.13 17.52 3.45
CA SER D 23 10.61 16.45 2.61
C SER D 23 10.92 15.07 3.17
N CYS D 24 10.00 14.15 2.98
CA CYS D 24 10.16 12.77 3.43
C CYS D 24 9.69 11.82 2.34
N ARG D 25 10.60 11.01 1.82
CA ARG D 25 10.25 10.07 0.75
C ARG D 25 10.54 8.64 1.17
N SER D 26 9.51 7.79 1.12
CA SER D 26 9.67 6.39 1.49
C SER D 26 10.13 5.59 0.27
N SER D 27 10.91 4.54 0.51
CA SER D 27 11.48 3.73 -0.58
C SER D 27 10.40 2.97 -1.34
N GLN D 28 9.25 2.79 -0.71
CA GLN D 28 8.08 2.22 -1.39
C GLN D 28 6.83 2.69 -0.66
N SER D 29 5.67 2.35 -1.20
CA SER D 29 4.39 2.77 -0.63
C SER D 29 4.25 2.38 0.84
N ILE D 30 3.79 3.32 1.67
CA ILE D 30 3.54 3.03 3.07
C ILE D 30 2.05 3.14 3.36
N VAL D 31 1.22 2.95 2.35
CA VAL D 31 -0.20 2.81 2.56
C VAL D 31 -0.46 1.43 3.17
N HIS D 32 -1.06 1.41 4.35
CA HIS D 32 -1.40 0.17 5.03
C HIS D 32 -2.51 -0.55 4.28
N SER D 33 -2.63 -1.87 4.48
CA SER D 33 -3.67 -2.63 3.79
C SER D 33 -5.09 -2.16 4.16
N ASN D 34 -5.22 -1.46 5.29
CA ASN D 34 -6.53 -0.94 5.68
C ASN D 34 -6.82 0.43 5.06
N GLY D 35 -5.91 0.91 4.23
CA GLY D 35 -6.13 2.15 3.51
C GLY D 35 -5.54 3.39 4.15
N ASN D 36 -5.15 3.29 5.41
CA ASN D 36 -4.56 4.42 6.12
C ASN D 36 -3.05 4.49 5.95
N THR D 37 -2.50 5.69 6.01
CA THR D 37 -1.06 5.88 5.95
C THR D 37 -0.56 6.37 7.31
N TYR D 38 0.19 5.52 8.00
CA TYR D 38 0.64 5.85 9.35
C TYR D 38 1.97 6.58 9.32
N LEU D 39 1.91 7.83 8.88
CA LEU D 39 3.10 8.67 8.82
C LEU D 39 3.01 9.76 9.87
N GLU D 40 4.06 9.88 10.67
CA GLU D 40 4.08 10.87 11.74
C GLU D 40 5.29 11.77 11.64
N TRP D 41 5.18 12.96 12.21
CA TRP D 41 6.30 13.88 12.33
C TRP D 41 6.58 14.17 13.80
N TYR D 42 7.85 14.06 14.19
CA TYR D 42 8.25 14.31 15.58
C TYR D 42 9.30 15.40 15.65
N LEU D 43 9.31 16.14 16.76
CA LEU D 43 10.31 17.16 17.00
C LEU D 43 11.07 16.88 18.30
N GLN D 44 12.40 16.88 18.21
CA GLN D 44 13.22 16.74 19.40
C GLN D 44 14.10 17.97 19.59
N LYS D 45 13.81 18.74 20.63
CA LYS D 45 14.60 19.91 21.00
C LYS D 45 15.76 19.47 21.87
N PRO D 46 16.85 20.27 21.90
CA PRO D 46 18.02 19.91 22.70
C PRO D 46 17.71 19.64 24.17
N GLY D 47 18.12 18.46 24.65
CA GLY D 47 17.94 18.10 26.04
C GLY D 47 16.57 17.53 26.38
N GLN D 48 15.69 17.47 25.38
CA GLN D 48 14.34 16.98 25.60
C GLN D 48 14.06 15.68 24.84
N SER D 49 12.98 15.02 25.20
CA SER D 49 12.53 13.84 24.46
C SER D 49 11.81 14.28 23.20
N PRO D 50 11.70 13.39 22.20
CA PRO D 50 10.91 13.74 21.02
C PRO D 50 9.45 13.98 21.37
N LYS D 51 8.78 14.86 20.64
CA LYS D 51 7.35 15.06 20.88
C LYS D 51 6.57 15.02 19.56
N LEU D 52 5.36 14.51 19.63
CA LEU D 52 4.50 14.34 18.47
C LEU D 52 4.02 15.68 17.92
N LEU D 53 4.09 15.82 16.61
CA LEU D 53 3.57 17.01 15.93
C LEU D 53 2.38 16.67 15.05
N ILE D 54 2.60 15.71 14.15
CA ILE D 54 1.62 15.33 13.13
C ILE D 54 1.44 13.81 13.10
N TYR D 55 0.20 13.36 12.93
CA TYR D 55 -0.07 11.94 12.75
C TYR D 55 -1.01 11.72 11.56
N LYS D 56 -1.03 10.50 11.03
CA LYS D 56 -1.81 10.17 9.84
C LYS D 56 -1.58 11.17 8.73
N VAL D 57 -0.29 11.44 8.46
CA VAL D 57 0.17 12.34 7.39
C VAL D 57 -0.11 13.82 7.65
N SER D 58 -1.34 14.16 8.02
CA SER D 58 -1.75 15.56 8.05
C SER D 58 -2.52 16.01 9.30
N ASN D 59 -2.82 15.08 10.20
CA ASN D 59 -3.57 15.45 11.41
C ASN D 59 -2.68 16.06 12.48
N ARG D 60 -3.04 17.24 12.94
CA ARG D 60 -2.27 17.95 13.96
C ARG D 60 -2.62 17.47 15.36
N PHE D 61 -1.60 17.09 16.13
CA PHE D 61 -1.79 16.66 17.50
C PHE D 61 -2.20 17.86 18.36
N SER D 62 -2.98 17.64 19.41
CA SER D 62 -3.45 18.73 20.25
C SER D 62 -2.29 19.44 20.93
N GLY D 63 -2.39 20.77 21.03
CA GLY D 63 -1.33 21.57 21.61
C GLY D 63 -0.37 22.11 20.56
N VAL D 64 -0.41 21.53 19.37
CA VAL D 64 0.50 21.94 18.29
C VAL D 64 -0.10 23.08 17.48
N PRO D 65 0.63 24.21 17.39
CA PRO D 65 0.19 25.39 16.63
C PRO D 65 -0.08 25.05 15.16
N ASP D 66 -1.00 25.79 14.54
CA ASP D 66 -1.45 25.46 13.19
C ASP D 66 -0.42 25.78 12.11
N ARG D 67 0.67 26.44 12.49
CA ARG D 67 1.71 26.76 11.53
C ARG D 67 2.49 25.51 11.12
N PHE D 68 2.25 24.41 11.82
CA PHE D 68 2.78 23.10 11.44
C PHE D 68 1.74 22.35 10.61
N SER D 69 2.09 22.01 9.37
CA SER D 69 1.15 21.27 8.53
C SER D 69 1.84 20.19 7.72
N GLY D 70 1.20 19.02 7.65
CA GLY D 70 1.74 17.91 6.90
C GLY D 70 0.89 17.58 5.70
N SER D 71 1.52 17.08 4.65
CA SER D 71 0.82 16.66 3.45
C SER D 71 1.58 15.54 2.79
N GLY D 72 1.02 15.00 1.72
CA GLY D 72 1.69 13.95 0.97
C GLY D 72 0.79 12.80 0.61
N SER D 73 1.32 11.88 -0.20
CA SER D 73 0.53 10.75 -0.66
C SER D 73 1.42 9.58 -1.12
N GLY D 74 1.13 8.39 -0.58
CA GLY D 74 1.78 7.19 -1.04
C GLY D 74 3.23 7.03 -0.60
N THR D 75 4.12 7.79 -1.24
CA THR D 75 5.56 7.70 -0.98
C THR D 75 6.25 9.05 -0.78
N ASP D 76 5.54 10.14 -1.07
CA ASP D 76 6.13 11.47 -1.02
C ASP D 76 5.41 12.35 0.00
N PHE D 77 6.14 12.84 1.00
CA PHE D 77 5.51 13.59 2.10
C PHE D 77 6.27 14.87 2.46
N THR D 78 5.56 15.83 3.05
CA THR D 78 6.14 17.13 3.36
C THR D 78 5.59 17.73 4.66
N LEU D 79 6.49 18.19 5.52
CA LEU D 79 6.11 19.00 6.67
C LEU D 79 6.43 20.47 6.39
N LYS D 80 5.42 21.33 6.52
CA LYS D 80 5.61 22.77 6.37
C LYS D 80 5.51 23.49 7.71
N ILE D 81 6.45 24.39 7.97
CA ILE D 81 6.41 25.24 9.15
C ILE D 81 6.29 26.69 8.71
N SER D 82 5.10 27.26 8.84
CA SER D 82 4.74 28.50 8.16
C SER D 82 5.55 29.73 8.57
N ARG D 83 5.50 30.09 9.85
CA ARG D 83 6.19 31.28 10.32
C ARG D 83 7.13 30.89 11.45
N VAL D 84 8.33 30.47 11.08
CA VAL D 84 9.30 29.91 12.01
C VAL D 84 9.59 30.84 13.19
N GLU D 85 9.48 30.28 14.38
CA GLU D 85 9.82 30.99 15.61
C GLU D 85 10.98 30.28 16.28
N ALA D 86 11.64 30.95 17.22
CA ALA D 86 12.81 30.40 17.89
C ALA D 86 12.51 29.08 18.60
N GLU D 87 11.27 28.93 19.06
CA GLU D 87 10.86 27.72 19.77
C GLU D 87 10.70 26.52 18.84
N ASP D 88 10.74 26.75 17.53
CA ASP D 88 10.59 25.67 16.54
C ASP D 88 11.93 24.99 16.23
N LEU D 89 13.02 25.57 16.73
CA LEU D 89 14.34 25.05 16.44
C LEU D 89 14.58 23.70 17.10
N GLY D 90 15.27 22.81 16.39
CA GLY D 90 15.51 21.46 16.87
C GLY D 90 15.59 20.50 15.71
N ILE D 91 15.48 19.20 16.00
CA ILE D 91 15.59 18.19 14.97
C ILE D 91 14.24 17.53 14.70
N TYR D 92 13.83 17.54 13.43
CA TYR D 92 12.58 16.96 12.99
C TYR D 92 12.78 15.59 12.34
N TYR D 93 11.93 14.64 12.70
CA TYR D 93 12.00 13.30 12.15
C TYR D 93 10.66 12.88 11.57
N CYS D 94 10.66 12.34 10.35
CA CYS D 94 9.48 11.66 9.85
C CYS D 94 9.56 10.21 10.31
N PHE D 95 8.41 9.53 10.30
CA PHE D 95 8.31 8.18 10.83
C PHE D 95 7.16 7.46 10.15
N GLN D 96 7.39 6.24 9.68
CA GLN D 96 6.30 5.41 9.17
C GLN D 96 6.06 4.23 10.13
N GLY D 97 4.80 4.05 10.50
CA GLY D 97 4.41 2.95 11.37
C GLY D 97 3.44 2.03 10.66
N SER D 98 3.46 2.08 9.33
CA SER D 98 2.57 1.24 8.52
C SER D 98 3.09 -0.17 8.35
N LEU D 99 4.41 -0.29 8.14
CA LEU D 99 5.02 -1.58 7.83
C LEU D 99 6.10 -1.92 8.84
N VAL D 100 6.26 -3.21 9.12
CA VAL D 100 7.19 -3.69 10.14
C VAL D 100 8.53 -4.07 9.51
N PRO D 101 9.65 -3.57 10.08
CA PRO D 101 9.69 -2.69 11.26
C PRO D 101 9.40 -1.23 10.92
N PRO D 102 8.80 -0.49 11.87
CA PRO D 102 8.65 0.96 11.72
C PRO D 102 10.01 1.61 11.57
N THR D 103 10.10 2.66 10.76
CA THR D 103 11.39 3.30 10.48
C THR D 103 11.30 4.82 10.51
N PHE D 104 12.41 5.45 10.88
CA PHE D 104 12.52 6.92 10.92
C PHE D 104 13.35 7.44 9.76
N GLY D 105 13.09 8.68 9.35
CA GLY D 105 14.02 9.41 8.51
C GLY D 105 15.23 9.78 9.35
N ALA D 106 16.30 10.24 8.70
CA ALA D 106 17.56 10.49 9.41
C ALA D 106 17.53 11.79 10.21
N GLY D 107 16.50 12.60 10.02
CA GLY D 107 16.34 13.82 10.78
C GLY D 107 16.72 15.08 10.03
N THR D 108 16.03 16.16 10.37
CA THR D 108 16.32 17.48 9.82
C THR D 108 16.53 18.48 10.95
N LYS D 109 17.73 19.03 11.03
CA LYS D 109 18.04 20.02 12.06
C LYS D 109 17.68 21.42 11.57
N LEU D 110 16.63 21.99 12.16
CA LEU D 110 16.20 23.34 11.81
C LEU D 110 17.02 24.34 12.61
N GLU D 111 17.67 25.26 11.90
CA GLU D 111 18.62 26.18 12.50
C GLU D 111 18.32 27.61 12.06
N LEU D 112 18.71 28.59 12.86
CA LEU D 112 18.43 29.99 12.55
C LEU D 112 19.49 30.57 11.62
N LYS D 113 19.05 31.10 10.49
CA LYS D 113 19.94 31.73 9.52
C LYS D 113 20.20 33.19 9.88
N ARG D 114 21.44 33.64 9.72
CA ARG D 114 21.80 35.02 9.97
C ARG D 114 22.88 35.45 8.97
N GLY D 115 23.28 36.71 9.05
CA GLY D 115 24.36 37.22 8.23
C GLY D 115 25.68 36.52 8.56
N ALA D 116 26.52 36.36 7.55
CA ALA D 116 27.80 35.68 7.72
C ALA D 116 28.67 36.45 8.71
N ALA D 117 29.44 35.71 9.51
CA ALA D 117 30.33 36.33 10.49
C ALA D 117 31.64 35.54 10.56
N ALA D 118 32.74 36.25 10.40
CA ALA D 118 34.06 35.61 10.44
C ALA D 118 34.42 35.20 11.85
N PRO D 119 35.11 34.07 12.00
CA PRO D 119 35.54 33.68 13.34
C PRO D 119 36.70 34.52 13.83
N SER D 120 36.74 34.78 15.13
CA SER D 120 37.98 35.18 15.79
C SER D 120 38.78 33.90 16.01
N VAL D 121 40.04 33.90 15.59
CA VAL D 121 40.85 32.67 15.68
C VAL D 121 41.99 32.82 16.69
N PHE D 122 42.15 31.79 17.52
CA PHE D 122 43.20 31.77 18.53
C PHE D 122 43.92 30.41 18.50
N ILE D 123 45.22 30.41 18.79
CA ILE D 123 45.94 29.14 18.93
C ILE D 123 46.59 29.09 20.31
N PHE D 124 46.57 27.91 20.93
CA PHE D 124 47.15 27.70 22.24
C PHE D 124 48.19 26.59 22.21
N PRO D 125 49.46 26.92 22.48
CA PRO D 125 50.50 25.91 22.61
C PRO D 125 50.22 25.00 23.81
N PRO D 126 50.88 23.83 23.89
CA PRO D 126 50.69 22.98 25.07
C PRO D 126 51.16 23.67 26.34
N SER D 127 50.51 23.39 27.48
CA SER D 127 50.93 23.97 28.75
C SER D 127 52.17 23.24 29.26
N ASP D 128 52.91 23.88 30.15
CA ASP D 128 54.08 23.26 30.74
C ASP D 128 53.67 22.07 31.59
N GLU D 129 52.51 22.18 32.23
CA GLU D 129 51.95 21.08 33.02
C GLU D 129 51.76 19.83 32.18
N GLN D 130 51.12 19.97 31.01
CA GLN D 130 50.85 18.82 30.17
C GLN D 130 52.15 18.23 29.62
N LEU D 131 53.06 19.10 29.20
CA LEU D 131 54.33 18.65 28.64
C LEU D 131 55.13 17.85 29.66
N LYS D 132 55.07 18.24 30.93
CA LYS D 132 55.75 17.49 31.98
C LYS D 132 55.22 16.06 32.08
N SER D 133 53.93 15.87 31.80
CA SER D 133 53.34 14.53 31.82
C SER D 133 53.68 13.73 30.56
N GLY D 134 54.23 14.40 29.54
CA GLY D 134 54.70 13.72 28.35
C GLY D 134 53.74 13.77 27.16
N THR D 135 52.82 14.70 27.18
CA THR D 135 51.83 14.84 26.11
C THR D 135 51.76 16.30 25.67
N ALA D 136 51.35 16.53 24.43
CA ALA D 136 51.23 17.88 23.90
C ALA D 136 49.94 18.05 23.12
N SER D 137 49.03 18.84 23.65
CA SER D 137 47.81 19.19 22.93
C SER D 137 47.88 20.62 22.46
N VAL D 138 47.72 20.81 21.16
CA VAL D 138 47.63 22.14 20.58
C VAL D 138 46.17 22.43 20.22
N VAL D 139 45.66 23.56 20.68
CA VAL D 139 44.26 23.89 20.50
C VAL D 139 44.08 25.10 19.58
N CYS D 140 43.19 24.95 18.60
CA CYS D 140 42.83 26.03 17.69
C CYS D 140 41.38 26.40 17.94
N LEU D 141 41.13 27.65 18.29
CA LEU D 141 39.79 28.08 18.66
C LEU D 141 39.19 29.03 17.63
N LEU D 142 37.98 28.70 17.20
CA LEU D 142 37.21 29.57 16.31
C LEU D 142 36.00 30.07 17.07
N ASN D 143 35.91 31.38 17.25
CA ASN D 143 34.87 31.94 18.10
C ASN D 143 33.82 32.76 17.35
N ASN D 144 32.56 32.47 17.62
CA ASN D 144 31.42 33.30 17.18
C ASN D 144 31.36 33.53 15.67
N PHE D 145 31.24 32.45 14.91
CA PHE D 145 31.17 32.55 13.45
C PHE D 145 29.86 32.00 12.91
N TYR D 146 29.56 32.34 11.67
CA TYR D 146 28.41 31.82 10.93
C TYR D 146 28.68 31.98 9.44
N PRO D 147 28.34 30.97 8.62
CA PRO D 147 27.69 29.69 8.96
C PRO D 147 28.63 28.68 9.60
N ARG D 148 28.09 27.50 9.89
CA ARG D 148 28.81 26.46 10.62
C ARG D 148 30.00 25.90 9.84
N GLU D 149 29.88 25.86 8.53
CA GLU D 149 30.92 25.30 7.67
C GLU D 149 32.24 26.05 7.80
N ALA D 150 33.30 25.32 8.14
CA ALA D 150 34.63 25.92 8.28
C ALA D 150 35.69 24.85 8.07
N LYS D 151 36.74 25.20 7.33
CA LYS D 151 37.85 24.28 7.15
C LYS D 151 38.97 24.65 8.10
N VAL D 152 39.30 23.73 9.00
CA VAL D 152 40.37 23.95 9.96
C VAL D 152 41.47 22.92 9.76
N GLN D 153 42.61 23.37 9.22
CA GLN D 153 43.70 22.47 8.90
C GLN D 153 44.91 22.69 9.79
N TRP D 154 45.49 21.59 10.29
CA TRP D 154 46.72 21.66 11.05
C TRP D 154 47.92 21.44 10.14
N LYS D 155 48.94 22.26 10.28
CA LYS D 155 50.18 22.10 9.53
C LYS D 155 51.39 22.10 10.46
N VAL D 156 52.24 21.11 10.32
CA VAL D 156 53.40 20.95 11.19
C VAL D 156 54.65 20.93 10.33
N ASP D 157 55.48 21.96 10.46
CA ASP D 157 56.58 22.21 9.53
C ASP D 157 56.08 22.10 8.08
N ASN D 158 54.95 22.74 7.82
CA ASN D 158 54.30 22.81 6.50
C ASN D 158 53.62 21.52 6.04
N ALA D 159 53.72 20.44 6.82
CA ALA D 159 53.07 19.19 6.43
C ALA D 159 51.65 19.12 6.98
N LEU D 160 50.69 18.87 6.08
CA LEU D 160 49.29 18.79 6.46
C LEU D 160 49.02 17.56 7.31
N GLN D 161 48.41 17.78 8.48
CA GLN D 161 48.12 16.70 9.41
C GLN D 161 46.77 16.05 9.15
N SER D 162 46.66 14.77 9.45
CA SER D 162 45.39 14.06 9.35
C SER D 162 45.35 12.90 10.34
N GLY D 163 44.20 12.73 10.99
CA GLY D 163 43.99 11.60 11.88
C GLY D 163 44.44 11.81 13.31
N ASN D 164 45.05 12.96 13.60
CA ASN D 164 45.53 13.23 14.95
C ASN D 164 44.89 14.46 15.57
N SER D 165 43.76 14.89 15.02
CA SER D 165 43.03 16.01 15.61
C SER D 165 41.55 15.69 15.70
N GLN D 166 40.86 16.40 16.58
CA GLN D 166 39.42 16.25 16.73
C GLN D 166 38.75 17.60 16.93
N GLU D 167 37.58 17.77 16.34
CA GLU D 167 36.82 19.01 16.45
C GLU D 167 35.59 18.86 17.34
N SER D 168 35.27 19.93 18.05
CA SER D 168 34.02 20.00 18.80
C SER D 168 33.36 21.32 18.47
N VAL D 169 32.03 21.32 18.32
CA VAL D 169 31.31 22.53 17.97
C VAL D 169 30.17 22.77 18.95
N THR D 170 29.99 24.02 19.35
CA THR D 170 28.88 24.36 20.24
C THR D 170 27.59 24.38 19.46
N GLU D 171 26.47 24.37 20.18
CA GLU D 171 25.18 24.58 19.55
C GLU D 171 25.06 26.06 19.21
N GLN D 172 24.14 26.38 18.32
CA GLN D 172 23.89 27.75 17.92
C GLN D 172 23.60 28.63 19.14
N ASP D 173 24.30 29.75 19.25
CA ASP D 173 24.15 30.67 20.38
C ASP D 173 22.74 31.25 20.43
N SER D 174 22.16 31.31 21.62
CA SER D 174 20.77 31.74 21.77
C SER D 174 20.58 33.22 21.40
N LYS D 175 21.61 34.02 21.61
CA LYS D 175 21.50 35.47 21.40
C LYS D 175 21.92 35.92 20.00
N ASP D 176 23.13 35.56 19.57
CA ASP D 176 23.61 36.04 18.27
C ASP D 176 23.61 34.97 17.19
N SER D 177 23.16 33.76 17.56
CA SER D 177 23.01 32.65 16.61
C SER D 177 24.31 32.23 15.93
N THR D 178 25.44 32.48 16.57
CA THR D 178 26.72 32.08 16.00
C THR D 178 27.17 30.73 16.57
N TYR D 179 28.21 30.17 15.96
CA TYR D 179 28.84 28.95 16.45
C TYR D 179 30.24 29.23 16.95
N SER D 180 30.73 28.34 17.81
CA SER D 180 32.13 28.34 18.17
C SER D 180 32.68 26.93 17.97
N LEU D 181 33.96 26.83 17.68
CA LEU D 181 34.56 25.55 17.35
C LEU D 181 35.96 25.45 17.92
N SER D 182 36.28 24.27 18.44
CA SER D 182 37.64 24.00 18.88
C SER D 182 38.19 22.83 18.08
N SER D 183 39.46 22.93 17.69
CA SER D 183 40.16 21.82 17.08
C SER D 183 41.39 21.52 17.91
N THR D 184 41.58 20.26 18.27
CA THR D 184 42.65 19.87 19.16
C THR D 184 43.58 18.86 18.50
N LEU D 185 44.84 19.27 18.32
CA LEU D 185 45.88 18.40 17.80
C LEU D 185 46.65 17.79 18.97
N THR D 186 46.60 16.47 19.11
CA THR D 186 47.28 15.81 20.22
C THR D 186 48.43 14.91 19.78
N LEU D 187 49.62 15.22 20.29
CA LEU D 187 50.82 14.45 20.02
C LEU D 187 51.45 13.99 21.33
N SER D 188 52.26 12.95 21.28
CA SER D 188 53.13 12.65 22.41
C SER D 188 54.17 13.76 22.46
N LYS D 189 54.75 14.00 23.62
CA LYS D 189 55.76 15.04 23.75
C LYS D 189 56.94 14.77 22.82
N ALA D 190 57.32 13.49 22.71
CA ALA D 190 58.42 13.11 21.83
C ALA D 190 58.15 13.45 20.37
N ASP D 191 56.94 13.16 19.90
CA ASP D 191 56.56 13.52 18.54
C ASP D 191 56.52 15.03 18.38
N TYR D 192 56.00 15.70 19.41
CA TYR D 192 55.89 17.16 19.42
C TYR D 192 57.25 17.84 19.25
N GLU D 193 58.27 17.26 19.87
CA GLU D 193 59.61 17.84 19.87
C GLU D 193 60.39 17.56 18.59
N LYS D 194 59.83 16.76 17.69
CA LYS D 194 60.47 16.47 16.41
C LYS D 194 60.33 17.61 15.42
N HIS D 195 59.47 18.58 15.73
CA HIS D 195 59.16 19.64 14.79
C HIS D 195 59.20 21.04 15.41
N LYS D 196 59.31 22.05 14.55
CA LYS D 196 59.50 23.44 14.97
C LYS D 196 58.21 24.23 14.99
N VAL D 197 57.59 24.33 13.82
CA VAL D 197 56.46 25.24 13.62
C VAL D 197 55.12 24.51 13.63
N TYR D 198 54.19 25.02 14.42
CA TYR D 198 52.85 24.47 14.50
C TYR D 198 51.87 25.53 14.08
N ALA D 199 50.95 25.19 13.19
CA ALA D 199 50.03 26.17 12.64
C ALA D 199 48.67 25.56 12.37
N CYS D 200 47.63 26.36 12.59
CA CYS D 200 46.30 25.98 12.16
C CYS D 200 45.81 27.03 11.16
N GLU D 201 45.31 26.58 10.02
CA GLU D 201 44.81 27.48 9.00
C GLU D 201 43.30 27.36 8.88
N VAL D 202 42.62 28.49 8.92
CA VAL D 202 41.17 28.51 8.93
C VAL D 202 40.62 29.13 7.65
N THR D 203 39.78 28.37 6.96
CA THR D 203 39.06 28.88 5.79
C THR D 203 37.59 29.02 6.14
N HIS D 204 37.06 30.22 6.00
CA HIS D 204 35.65 30.48 6.29
C HIS D 204 35.11 31.57 5.36
N GLN D 205 33.83 31.45 5.03
CA GLN D 205 33.17 32.36 4.10
C GLN D 205 33.27 33.82 4.54
N GLY D 206 33.39 34.05 5.85
CA GLY D 206 33.51 35.39 6.38
C GLY D 206 34.90 36.01 6.24
N LEU D 207 35.87 35.22 5.83
CA LEU D 207 37.24 35.71 5.67
C LEU D 207 37.57 35.95 4.20
N SER D 208 38.34 37.00 3.93
CA SER D 208 38.73 37.31 2.56
C SER D 208 39.78 36.31 2.07
N SER D 209 40.62 35.86 2.98
CA SER D 209 41.59 34.81 2.69
C SER D 209 41.73 33.91 3.93
N PRO D 210 42.19 32.67 3.74
CA PRO D 210 42.40 31.81 4.91
C PRO D 210 43.33 32.45 5.93
N VAL D 211 43.01 32.34 7.21
CA VAL D 211 43.87 32.92 8.25
C VAL D 211 44.69 31.81 8.91
N THR D 212 45.97 32.09 9.12
CA THR D 212 46.87 31.13 9.76
C THR D 212 47.41 31.69 11.07
N LYS D 213 47.25 30.91 12.14
CA LYS D 213 47.89 31.20 13.42
C LYS D 213 49.00 30.18 13.64
N SER D 214 50.18 30.64 14.05
CA SER D 214 51.30 29.74 14.22
C SER D 214 52.27 30.16 15.33
N PHE D 215 53.07 29.21 15.80
CA PHE D 215 54.12 29.47 16.77
C PHE D 215 55.28 28.49 16.57
N ASN D 216 56.46 28.88 17.05
CA ASN D 216 57.61 27.99 17.10
C ASN D 216 57.68 27.25 18.44
N ARG D 217 57.78 25.93 18.40
CA ARG D 217 57.94 25.14 19.62
C ARG D 217 59.16 25.61 20.39
N GLY D 218 59.06 25.61 21.72
CA GLY D 218 60.05 26.26 22.54
C GLY D 218 59.74 27.74 22.50
N GLU D 219 60.78 28.57 22.52
CA GLU D 219 60.62 30.02 22.34
C GLU D 219 59.74 30.69 23.40
N CYS D 220 58.63 30.04 23.75
CA CYS D 220 57.76 30.51 24.83
C CYS D 220 57.17 29.34 25.62
N GLY D 224 59.01 38.27 27.17
CA GLY D 224 59.66 37.02 26.87
C GLY D 224 60.62 37.10 25.71
N HIS D 225 61.89 36.81 25.97
CA HIS D 225 62.95 36.85 24.97
C HIS D 225 64.25 36.35 25.59
N HIS D 226 64.96 35.46 24.88
CA HIS D 226 66.16 34.87 25.46
C HIS D 226 67.37 34.80 24.53
N HIS D 227 68.49 34.42 25.12
CA HIS D 227 69.72 34.03 24.46
C HIS D 227 70.61 33.53 25.60
N HIS D 228 70.85 32.22 25.59
CA HIS D 228 70.92 31.40 26.81
C HIS D 228 69.45 31.10 27.10
N HIS D 229 68.89 30.14 26.38
CA HIS D 229 67.44 30.04 26.23
C HIS D 229 66.67 29.44 27.42
N HIS D 230 67.39 28.90 28.40
CA HIS D 230 66.70 28.39 29.60
C HIS D 230 66.49 29.53 30.59
#